data_7D69
#
_entry.id   7D69
#
_cell.length_a   1.00
_cell.length_b   1.00
_cell.length_c   1.00
_cell.angle_alpha   90.00
_cell.angle_beta   90.00
_cell.angle_gamma   90.00
#
_symmetry.space_group_name_H-M   'P 1'
#
loop_
_entity.id
_entity.type
_entity.pdbx_description
1 polymer 'Histone H3'
2 polymer 'Histone H4'
3 polymer 'Histone H2B'
4 polymer 'Histone H2A'
5 polymer '601L DNA (145-MER)'
6 polymer '601L DNA (145-MER)'
#
loop_
_entity_poly.entity_id
_entity_poly.type
_entity_poly.pdbx_seq_one_letter_code
_entity_poly.pdbx_strand_id
1 'polypeptide(L)'
;GSHMARTKHTARKTTSATKAPRKTIARKAARKTASSTSGIKKTGRKKQGMVAVKEIKKYQKSTDLLIRKLPFSKLVRDIV
TSGLSKSDIRFQGAAVEALQESAENYIISLFVDTQLCAEHAKRVTIMKPDMELATRIGKRIEPEYRKGK
;
A,E
2 'polypeptide(L)'
;GSHMSGKGKGKGYGKSKRHSKEKDTLGGITKPAIRRLARRGGVKRISSTIYQQTREVLKAFLEVVLRDSLTYTEHGQRKT
VTSQDVVYALKRQGRTLYGFGI
;
B,F
3 'polypeptide(L)'
;GSHMSKVETKRLMKKTEAGDKGDAKRKHKRHETYATYIYKVLRSENIRSEADTDLGISNKGMEVMNSLVNDLFERIASEA
SNLAKISKRNTIGKKDIESAAKLVIPGEIGRLIRDEADKALSKFTSSKESTKK
;
D,H
4 'polypeptide(L)'
;GSHMSTKPVKDNSKMKSRSARAGISFPIGRIHRHLREGRYAERISSDAPVYLAAVLENVVAEVFREACNHRDKKSQKRIV
PNHILTALRKDKELATIFANVTIREGGVARSAKEGREGKGSHRSQDL
;
C,G
5 'polydeoxyribonucleotide'
;(DA)(DT)(DC)(DA)(DC)(DA)(DA)(DT)(DC)(DC)(DC)(DG)(DG)(DT)(DG)(DC)(DC)(DG)(DA)(DG)
(DG)(DC)(DC)(DG)(DC)(DT)(DC)(DA)(DA)(DT)(DT)(DG)(DG)(DT)(DC)(DG)(DT)(DA)(DG)(DA)
(DC)(DA)(DG)(DC)(DT)(DC)(DT)(DA)(DG)(DC)(DA)(DC)(DC)(DG)(DC)(DT)(DT)(DA)(DA)(DA)
(DC)(DG)(DC)(DA)(DC)(DG)(DT)(DA)(DC)(DG)(DG)(DA)(DA)(DT)(DC)(DC)(DG)(DT)(DA)(DC)
(DG)(DT)(DG)(DC)(DG)(DT)(DT)(DT)(DA)(DA)(DG)(DC)(DG)(DG)(DT)(DG)(DC)(DT)(DA)(DG)
(DA)(DG)(DC)(DT)(DG)(DT)(DC)(DT)(DA)(DC)(DG)(DA)(DC)(DC)(DA)(DA)(DT)(DT)(DG)(DA)
(DG)(DC)(DG)(DG)(DC)(DC)(DT)(DC)(DG)(DG)(DC)(DA)(DC)(DC)(DG)(DG)(DG)(DA)(DT)(DT)
(DG)(DT)(DG)(DA)(DT)
;
I
6 'polydeoxyribonucleotide'
;(DA)(DT)(DC)(DA)(DC)(DA)(DA)(DT)(DC)(DC)(DC)(DG)(DG)(DT)(DG)(DC)(DC)(DG)(DA)(DG)
(DG)(DC)(DC)(DG)(DC)(DT)(DC)(DA)(DA)(DT)(DT)(DG)(DG)(DT)(DC)(DG)(DT)(DA)(DG)(DA)
(DC)(DA)(DG)(DC)(DT)(DC)(DT)(DA)(DG)(DC)(DA)(DC)(DC)(DG)(DC)(DT)(DT)(DA)(DA)(DA)
(DC)(DG)(DC)(DA)(DC)(DG)(DT)(DA)(DC)(DG)(DG)(DA)(DT)(DT)(DC)(DC)(DG)(DT)(DA)(DC)
(DG)(DT)(DG)(DC)(DG)(DT)(DT)(DT)(DA)(DA)(DG)(DC)(DG)(DG)(DT)(DG)(DC)(DT)(DA)(DG)
(DA)(DG)(DC)(DT)(DG)(DT)(DC)(DT)(DA)(DC)(DG)(DA)(DC)(DC)(DA)(DA)(DT)(DT)(DG)(DA)
(DG)(DC)(DG)(DG)(DC)(DC)(DT)(DC)(DG)(DG)(DC)(DA)(DC)(DC)(DG)(DG)(DG)(DA)(DT)(DT)
(DG)(DT)(DG)(DA)(DT)
;
J
#
loop_
_chem_comp.id
_chem_comp.type
_chem_comp.name
_chem_comp.formula
DA DNA linking 2'-DEOXYADENOSINE-5'-MONOPHOSPHATE 'C10 H14 N5 O6 P'
DC DNA linking 2'-DEOXYCYTIDINE-5'-MONOPHOSPHATE 'C9 H14 N3 O7 P'
DG DNA linking 2'-DEOXYGUANOSINE-5'-MONOPHOSPHATE 'C10 H14 N5 O7 P'
DT DNA linking THYMIDINE-5'-MONOPHOSPHATE 'C10 H15 N2 O8 P'
#
# COMPACT_ATOMS: atom_id res chain seq x y z
N GLU A 55 23.94 -14.73 -19.38
CA GLU A 55 22.99 -15.82 -19.57
C GLU A 55 21.70 -15.56 -18.79
N ILE A 56 20.57 -16.00 -19.34
CA ILE A 56 19.29 -15.82 -18.66
C ILE A 56 19.07 -16.94 -17.65
N LYS A 57 19.45 -18.16 -18.00
CA LYS A 57 19.19 -19.31 -17.13
C LYS A 57 20.02 -19.23 -15.85
N LYS A 58 21.34 -19.07 -16.00
CA LYS A 58 22.24 -19.11 -14.85
C LYS A 58 21.88 -18.05 -13.82
N TYR A 59 21.55 -16.85 -14.28
CA TYR A 59 21.20 -15.78 -13.36
C TYR A 59 19.79 -15.92 -12.85
N GLN A 60 18.88 -16.40 -13.70
CA GLN A 60 17.49 -16.51 -13.28
C GLN A 60 17.32 -17.53 -12.16
N LYS A 61 17.99 -18.68 -12.27
CA LYS A 61 17.77 -19.71 -11.26
C LYS A 61 18.58 -19.52 -9.99
N SER A 62 19.76 -18.92 -10.08
CA SER A 62 20.57 -18.73 -8.89
C SER A 62 19.90 -17.72 -7.96
N THR A 63 20.52 -17.49 -6.80
CA THR A 63 20.06 -16.48 -5.87
C THR A 63 21.19 -15.54 -5.45
N ASP A 64 22.41 -15.79 -5.91
CA ASP A 64 23.55 -14.95 -5.54
C ASP A 64 23.31 -13.51 -5.99
N LEU A 65 23.74 -12.56 -5.17
CA LEU A 65 23.54 -11.14 -5.45
C LEU A 65 24.07 -10.76 -6.83
N LEU A 66 23.60 -9.64 -7.37
CA LEU A 66 23.92 -9.26 -8.74
C LEU A 66 24.76 -7.99 -8.80
N ILE A 67 24.29 -6.90 -8.23
CA ILE A 67 25.10 -5.69 -8.16
C ILE A 67 26.20 -5.94 -7.15
N ARG A 68 27.45 -5.75 -7.57
CA ARG A 68 28.59 -6.04 -6.71
C ARG A 68 28.43 -5.30 -5.39
N LYS A 69 28.72 -6.00 -4.29
CA LYS A 69 28.41 -5.45 -2.97
C LYS A 69 29.12 -4.14 -2.70
N LEU A 70 30.43 -4.08 -2.94
CA LEU A 70 31.17 -2.86 -2.57
C LEU A 70 30.76 -1.64 -3.37
N PRO A 71 30.64 -1.67 -4.70
CA PRO A 71 30.21 -0.45 -5.40
C PRO A 71 28.80 -0.05 -5.02
N PHE A 72 27.90 -1.01 -4.78
CA PHE A 72 26.58 -0.62 -4.36
C PHE A 72 26.61 -0.03 -2.96
N SER A 73 27.51 -0.52 -2.11
CA SER A 73 27.68 0.09 -0.79
C SER A 73 28.14 1.53 -0.93
N LYS A 74 29.09 1.78 -1.83
CA LYS A 74 29.51 3.15 -2.08
C LYS A 74 28.34 3.98 -2.60
N LEU A 75 27.49 3.37 -3.44
CA LEU A 75 26.34 4.11 -3.95
C LEU A 75 25.40 4.51 -2.83
N VAL A 76 25.03 3.57 -1.96
CA VAL A 76 24.10 3.89 -0.89
C VAL A 76 24.71 4.90 0.06
N ARG A 77 26.00 4.74 0.37
CA ARG A 77 26.68 5.66 1.28
C ARG A 77 26.75 7.05 0.70
N ASP A 78 27.04 7.15 -0.60
CA ASP A 78 27.07 8.46 -1.24
C ASP A 78 25.69 9.08 -1.28
N ILE A 79 24.65 8.29 -1.60
CA ILE A 79 23.31 8.85 -1.66
C ILE A 79 22.90 9.41 -0.31
N VAL A 80 23.15 8.66 0.76
CA VAL A 80 22.83 9.17 2.09
C VAL A 80 23.69 10.37 2.44
N THR A 81 24.96 10.38 2.02
CA THR A 81 25.86 11.45 2.38
C THR A 81 25.85 12.64 1.41
N SER A 82 25.18 12.54 0.26
CA SER A 82 25.18 13.65 -0.69
C SER A 82 23.78 14.22 -0.90
N GLY A 83 22.85 13.46 -1.47
CA GLY A 83 21.51 13.99 -1.68
C GLY A 83 20.81 14.26 -0.37
N LEU A 84 20.90 13.31 0.57
CA LEU A 84 20.32 13.48 1.89
C LEU A 84 21.18 14.40 2.74
N SER A 85 22.48 14.43 2.47
CA SER A 85 23.43 15.35 3.11
C SER A 85 23.54 15.15 4.61
N LYS A 86 23.38 13.93 5.08
CA LYS A 86 23.59 13.64 6.51
C LYS A 86 24.95 12.96 6.65
N SER A 87 25.94 13.73 7.09
CA SER A 87 27.28 13.22 7.24
C SER A 87 27.40 12.35 8.49
N ASP A 88 28.49 11.59 8.54
CA ASP A 88 28.80 10.72 9.68
C ASP A 88 27.69 9.70 9.92
N ILE A 89 27.19 9.12 8.84
CA ILE A 89 26.20 8.06 8.90
C ILE A 89 26.90 6.73 8.67
N ARG A 90 26.71 5.80 9.60
CA ARG A 90 27.39 4.52 9.58
C ARG A 90 26.39 3.43 9.25
N PHE A 91 26.69 2.62 8.25
CA PHE A 91 25.77 1.60 7.75
C PHE A 91 26.08 0.24 8.35
N GLN A 92 25.15 -0.29 9.14
CA GLN A 92 25.27 -1.68 9.57
C GLN A 92 25.36 -2.57 8.34
N GLY A 93 26.22 -3.60 8.41
CA GLY A 93 26.39 -4.47 7.27
C GLY A 93 25.11 -5.12 6.83
N ALA A 94 24.30 -5.57 7.80
CA ALA A 94 23.00 -6.14 7.47
C ALA A 94 22.12 -5.11 6.77
N ALA A 95 22.21 -3.86 7.18
CA ALA A 95 21.37 -2.82 6.58
C ALA A 95 21.70 -2.64 5.12
N VAL A 96 22.98 -2.53 4.78
CA VAL A 96 23.34 -2.39 3.37
C VAL A 96 22.97 -3.66 2.61
N GLU A 97 23.11 -4.83 3.23
CA GLU A 97 22.71 -6.05 2.55
C GLU A 97 21.23 -6.07 2.24
N ALA A 98 20.40 -5.73 3.23
CA ALA A 98 18.95 -5.71 3.01
C ALA A 98 18.58 -4.66 1.99
N LEU A 99 19.19 -3.48 2.08
CA LEU A 99 18.89 -2.43 1.14
C LEU A 99 19.25 -2.85 -0.28
N GLN A 100 20.42 -3.48 -0.45
CA GLN A 100 20.80 -3.97 -1.77
C GLN A 100 19.87 -5.04 -2.26
N GLU A 101 19.45 -5.94 -1.38
CA GLU A 101 18.52 -6.98 -1.80
C GLU A 101 17.24 -6.36 -2.32
N SER A 102 16.71 -5.39 -1.58
CA SER A 102 15.49 -4.73 -2.03
C SER A 102 15.71 -3.96 -3.32
N ALA A 103 16.84 -3.26 -3.45
CA ALA A 103 17.08 -2.48 -4.66
C ALA A 103 17.19 -3.38 -5.88
N GLU A 104 17.96 -4.46 -5.78
CA GLU A 104 18.08 -5.34 -6.93
C GLU A 104 16.78 -6.05 -7.21
N ASN A 105 16.00 -6.38 -6.19
CA ASN A 105 14.71 -6.99 -6.45
C ASN A 105 13.77 -6.02 -7.15
N TYR A 106 13.82 -4.75 -6.76
CA TYR A 106 12.96 -3.74 -7.37
C TYR A 106 13.39 -3.46 -8.80
N ILE A 107 14.70 -3.47 -9.07
CA ILE A 107 15.14 -3.26 -10.44
C ILE A 107 14.87 -4.49 -11.29
N ILE A 108 14.94 -5.68 -10.71
CA ILE A 108 14.59 -6.89 -11.45
C ILE A 108 13.12 -6.87 -11.82
N SER A 109 12.26 -6.45 -10.90
CA SER A 109 10.85 -6.32 -11.26
C SER A 109 10.65 -5.21 -12.29
N LEU A 110 11.43 -4.14 -12.20
CA LEU A 110 11.34 -3.09 -13.21
C LEU A 110 11.72 -3.62 -14.58
N PHE A 111 12.71 -4.49 -14.65
CA PHE A 111 13.08 -5.07 -15.93
C PHE A 111 12.08 -6.10 -16.40
N VAL A 112 11.42 -6.81 -15.48
CA VAL A 112 10.33 -7.70 -15.89
C VAL A 112 9.26 -6.88 -16.59
N ASP A 113 8.88 -5.75 -15.99
CA ASP A 113 7.88 -4.89 -16.61
C ASP A 113 8.41 -4.23 -17.88
N THR A 114 9.71 -3.95 -17.96
CA THR A 114 10.28 -3.39 -19.18
C THR A 114 10.22 -4.39 -20.32
N GLN A 115 10.57 -5.65 -20.05
CA GLN A 115 10.47 -6.67 -21.08
C GLN A 115 9.03 -6.90 -21.47
N LEU A 116 8.10 -6.83 -20.51
CA LEU A 116 6.68 -6.88 -20.87
C LEU A 116 6.34 -5.78 -21.86
N CYS A 117 6.73 -4.54 -21.55
CA CYS A 117 6.39 -3.45 -22.45
C CYS A 117 7.07 -3.60 -23.80
N ALA A 118 8.30 -4.12 -23.82
CA ALA A 118 8.99 -4.36 -25.08
C ALA A 118 8.26 -5.39 -25.92
N GLU A 119 8.03 -6.58 -25.37
CA GLU A 119 7.21 -7.58 -26.05
C GLU A 119 5.92 -6.97 -26.56
N HIS A 120 5.35 -6.04 -25.79
CA HIS A 120 4.10 -5.42 -26.18
C HIS A 120 4.27 -4.51 -27.37
N ALA A 121 5.43 -3.91 -27.53
CA ALA A 121 5.67 -3.04 -28.67
C ALA A 121 6.17 -3.81 -29.88
N LYS A 122 6.04 -5.13 -29.88
CA LYS A 122 6.50 -5.97 -30.98
C LYS A 122 7.98 -5.69 -31.21
N ARG A 123 8.74 -5.75 -30.13
CA ARG A 123 10.15 -5.40 -30.12
C ARG A 123 10.89 -6.44 -29.30
N VAL A 124 12.18 -6.61 -29.59
CA VAL A 124 13.00 -7.55 -28.84
C VAL A 124 14.04 -6.85 -27.97
N THR A 125 14.31 -5.57 -28.21
CA THR A 125 15.30 -4.82 -27.45
C THR A 125 14.58 -3.82 -26.57
N ILE A 126 14.76 -3.93 -25.26
CA ILE A 126 14.18 -2.93 -24.36
C ILE A 126 14.91 -1.62 -24.54
N MET A 127 14.17 -0.53 -24.58
CA MET A 127 14.74 0.78 -24.82
C MET A 127 14.22 1.76 -23.77
N LYS A 128 14.83 2.93 -23.73
CA LYS A 128 14.46 3.91 -22.71
C LYS A 128 12.97 4.23 -22.67
N PRO A 129 12.25 4.36 -23.79
CA PRO A 129 10.80 4.52 -23.68
C PRO A 129 10.13 3.36 -22.99
N ASP A 130 10.67 2.14 -23.13
CA ASP A 130 10.07 1.00 -22.45
C ASP A 130 10.25 1.11 -20.95
N MET A 131 11.43 1.51 -20.49
CA MET A 131 11.62 1.66 -19.06
C MET A 131 10.79 2.82 -18.53
N GLU A 132 10.66 3.90 -19.30
CA GLU A 132 9.80 4.99 -18.85
C GLU A 132 8.36 4.54 -18.73
N LEU A 133 7.91 3.67 -19.63
CA LEU A 133 6.55 3.17 -19.50
C LEU A 133 6.41 2.24 -18.30
N ALA A 134 7.38 1.35 -18.10
CA ALA A 134 7.31 0.43 -16.97
C ALA A 134 7.55 1.13 -15.65
N THR A 135 8.04 2.36 -15.67
CA THR A 135 8.15 3.17 -14.46
C THR A 135 6.93 4.05 -14.26
N ARG A 136 6.25 4.43 -15.34
CA ARG A 136 5.06 5.25 -15.20
C ARG A 136 3.81 4.41 -14.98
N ILE A 137 3.67 3.30 -15.69
CA ILE A 137 2.47 2.49 -15.53
C ILE A 137 2.43 1.89 -14.14
N GLY A 138 3.50 1.22 -13.75
CA GLY A 138 3.68 0.91 -12.34
C GLY A 138 3.79 2.17 -11.52
N LYS A 139 3.61 2.03 -10.22
CA LYS A 139 3.73 3.18 -9.34
C LYS A 139 5.17 3.43 -8.92
N ARG A 140 6.13 2.93 -9.67
CA ARG A 140 7.53 3.03 -9.29
C ARG A 140 7.96 4.50 -9.21
N ILE A 141 9.03 4.73 -8.44
CA ILE A 141 9.48 6.09 -8.18
C ILE A 141 10.16 6.61 -9.44
N GLU A 142 9.57 7.61 -10.07
CA GLU A 142 10.17 8.21 -11.25
C GLU A 142 11.46 8.92 -10.84
N PRO A 143 12.43 9.01 -11.73
CA PRO A 143 13.71 9.58 -11.34
C PRO A 143 13.64 11.08 -11.12
N GLU A 144 14.78 11.69 -10.81
CA GLU A 144 14.85 13.10 -10.50
C GLU A 144 15.38 13.92 -11.69
N ASP B 24 29.74 9.63 -10.12
CA ASP B 24 30.77 8.59 -10.18
C ASP B 24 30.32 7.40 -9.36
N THR B 25 29.96 7.65 -8.10
CA THR B 25 29.49 6.58 -7.22
C THR B 25 28.37 5.79 -7.86
N LEU B 26 27.36 6.48 -8.36
CA LEU B 26 26.25 5.81 -9.05
C LEU B 26 26.76 4.99 -10.22
N GLY B 27 27.66 5.56 -11.02
CA GLY B 27 28.29 4.81 -12.09
C GLY B 27 29.01 3.56 -11.62
N GLY B 28 29.14 3.39 -10.31
CA GLY B 28 29.68 2.16 -9.77
C GLY B 28 28.82 0.95 -10.06
N ILE B 29 27.53 1.15 -10.33
CA ILE B 29 26.69 0.04 -10.75
C ILE B 29 27.09 -0.24 -12.19
N THR B 30 28.00 -1.20 -12.35
CA THR B 30 28.63 -1.41 -13.64
C THR B 30 27.61 -1.87 -14.67
N LYS B 31 27.90 -1.56 -15.93
CA LYS B 31 27.05 -2.01 -17.02
C LYS B 31 26.76 -3.50 -17.00
N PRO B 32 27.73 -4.39 -16.79
CA PRO B 32 27.38 -5.81 -16.71
C PRO B 32 26.51 -6.14 -15.52
N ALA B 33 26.61 -5.41 -14.42
CA ALA B 33 25.72 -5.67 -13.29
C ALA B 33 24.28 -5.37 -13.67
N ILE B 34 24.06 -4.29 -14.42
CA ILE B 34 22.72 -4.01 -14.90
C ILE B 34 22.27 -5.06 -15.90
N ARG B 35 23.19 -5.54 -16.73
CA ARG B 35 22.83 -6.60 -17.65
C ARG B 35 22.40 -7.85 -16.89
N ARG B 36 23.07 -8.15 -15.79
CA ARG B 36 22.65 -9.26 -14.93
C ARG B 36 21.25 -9.03 -14.39
N LEU B 37 21.06 -7.89 -13.70
CA LEU B 37 19.75 -7.55 -13.17
C LEU B 37 18.67 -7.75 -14.20
N ALA B 38 18.93 -7.31 -15.43
CA ALA B 38 17.90 -7.39 -16.45
C ALA B 38 17.75 -8.80 -17.02
N ARG B 39 18.82 -9.59 -17.06
CA ARG B 39 18.68 -10.95 -17.54
C ARG B 39 17.88 -11.79 -16.56
N ARG B 40 18.04 -11.57 -15.26
CA ARG B 40 17.14 -12.27 -14.36
C ARG B 40 15.72 -11.79 -14.56
N GLY B 41 15.54 -10.53 -14.91
CA GLY B 41 14.22 -10.02 -15.20
C GLY B 41 13.69 -10.49 -16.53
N GLY B 42 14.51 -11.21 -17.29
CA GLY B 42 14.08 -11.83 -18.53
C GLY B 42 14.11 -10.93 -19.75
N VAL B 43 15.18 -10.17 -19.94
CA VAL B 43 15.35 -9.40 -21.16
C VAL B 43 16.44 -10.07 -21.99
N LYS B 44 16.42 -9.78 -23.29
CA LYS B 44 17.37 -10.37 -24.21
C LYS B 44 18.41 -9.36 -24.66
N ARG B 45 17.97 -8.24 -25.23
CA ARG B 45 18.86 -7.22 -25.76
C ARG B 45 18.52 -5.90 -25.12
N ILE B 46 19.53 -5.21 -24.60
CA ILE B 46 19.35 -4.03 -23.76
C ILE B 46 19.92 -2.83 -24.49
N SER B 47 19.05 -1.93 -24.93
CA SER B 47 19.52 -0.74 -25.62
C SER B 47 20.45 0.05 -24.72
N SER B 48 21.50 0.64 -25.32
CA SER B 48 22.57 1.26 -24.55
C SER B 48 22.11 2.45 -23.73
N THR B 49 20.87 2.88 -23.87
CA THR B 49 20.35 3.95 -23.03
C THR B 49 19.63 3.42 -21.80
N ILE B 50 19.29 2.14 -21.77
CA ILE B 50 18.65 1.56 -20.59
C ILE B 50 19.60 1.57 -19.41
N TYR B 51 20.90 1.45 -19.64
CA TYR B 51 21.84 1.47 -18.54
C TYR B 51 21.68 2.73 -17.69
N GLN B 52 21.68 3.89 -18.32
CA GLN B 52 21.64 5.12 -17.52
C GLN B 52 20.27 5.29 -16.88
N GLN B 53 19.20 4.95 -17.59
CA GLN B 53 17.88 5.12 -17.01
C GLN B 53 17.66 4.18 -15.84
N THR B 54 18.23 2.97 -15.92
CA THR B 54 18.16 2.07 -14.78
C THR B 54 18.97 2.60 -13.61
N ARG B 55 20.16 3.13 -13.88
CA ARG B 55 20.93 3.75 -12.80
C ARG B 55 20.12 4.86 -12.14
N GLU B 56 19.40 5.65 -12.92
CA GLU B 56 18.68 6.77 -12.34
C GLU B 56 17.44 6.31 -11.58
N VAL B 57 16.72 5.30 -12.07
CA VAL B 57 15.56 4.86 -11.29
C VAL B 57 16.02 4.13 -10.05
N LEU B 58 17.16 3.46 -10.09
CA LEU B 58 17.69 2.86 -8.87
C LEU B 58 18.13 3.94 -7.88
N LYS B 59 18.70 5.02 -8.38
CA LYS B 59 19.06 6.11 -7.48
C LYS B 59 17.83 6.77 -6.89
N ALA B 60 16.76 6.91 -7.66
CA ALA B 60 15.54 7.49 -7.10
C ALA B 60 14.93 6.57 -6.06
N PHE B 61 14.91 5.26 -6.34
CA PHE B 61 14.43 4.31 -5.36
C PHE B 61 15.25 4.38 -4.08
N LEU B 62 16.57 4.42 -4.22
CA LEU B 62 17.41 4.45 -3.04
C LEU B 62 17.32 5.79 -2.32
N GLU B 63 17.03 6.88 -3.03
CA GLU B 63 16.82 8.13 -2.32
C GLU B 63 15.57 8.09 -1.48
N VAL B 64 14.49 7.53 -2.02
CA VAL B 64 13.27 7.42 -1.20
C VAL B 64 13.52 6.50 -0.01
N VAL B 65 14.05 5.30 -0.28
CA VAL B 65 14.19 4.31 0.79
C VAL B 65 15.22 4.78 1.81
N LEU B 66 16.24 5.50 1.39
CA LEU B 66 17.25 5.94 2.32
C LEU B 66 16.80 7.16 3.10
N ARG B 67 15.96 8.01 2.52
CA ARG B 67 15.38 9.06 3.34
C ARG B 67 14.52 8.46 4.44
N ASP B 68 13.69 7.48 4.10
CA ASP B 68 12.84 6.89 5.13
C ASP B 68 13.64 6.08 6.13
N SER B 69 14.74 5.46 5.69
CA SER B 69 15.59 4.72 6.61
C SER B 69 16.36 5.64 7.52
N LEU B 70 16.85 6.77 7.00
CA LEU B 70 17.49 7.75 7.85
C LEU B 70 16.50 8.37 8.82
N THR B 71 15.23 8.46 8.46
CA THR B 71 14.26 8.99 9.42
C THR B 71 14.02 8.00 10.54
N TYR B 72 13.83 6.72 10.18
CA TYR B 72 13.70 5.71 11.21
C TYR B 72 14.96 5.57 12.04
N THR B 73 16.11 6.01 11.52
CA THR B 73 17.31 6.00 12.33
C THR B 73 17.40 7.22 13.24
N GLU B 74 17.40 8.42 12.65
CA GLU B 74 17.40 9.65 13.43
C GLU B 74 16.37 9.64 14.54
N HIS B 75 15.24 8.96 14.35
CA HIS B 75 14.30 8.86 15.45
C HIS B 75 14.85 7.99 16.56
N GLY B 76 15.60 6.95 16.22
CA GLY B 76 16.24 6.14 17.23
C GLY B 76 17.36 6.81 17.97
N GLN B 77 17.62 8.10 17.71
CA GLN B 77 18.67 8.87 18.35
C GLN B 77 20.05 8.25 18.13
N ARG B 78 20.22 7.48 17.06
CA ARG B 78 21.48 6.81 16.79
C ARG B 78 21.97 7.18 15.41
N LYS B 79 23.24 6.90 15.16
CA LYS B 79 23.89 7.31 13.92
C LYS B 79 24.15 6.16 12.95
N THR B 80 23.65 4.96 13.23
CA THR B 80 23.81 3.85 12.31
C THR B 80 22.43 3.42 11.82
N VAL B 81 22.28 3.30 10.51
CA VAL B 81 21.02 2.82 9.97
C VAL B 81 21.07 1.29 9.99
N THR B 82 20.24 0.69 10.82
CA THR B 82 20.33 -0.74 11.01
C THR B 82 19.39 -1.46 10.05
N SER B 83 19.56 -2.77 9.95
CA SER B 83 18.76 -3.56 9.02
C SER B 83 17.29 -3.35 9.27
N GLN B 84 16.89 -3.27 10.54
CA GLN B 84 15.49 -3.01 10.86
C GLN B 84 15.06 -1.63 10.41
N ASP B 85 15.96 -0.65 10.38
CA ASP B 85 15.56 0.65 9.86
C ASP B 85 15.20 0.57 8.40
N VAL B 86 16.02 -0.12 7.61
CA VAL B 86 15.74 -0.28 6.19
C VAL B 86 14.48 -1.09 5.99
N VAL B 87 14.28 -2.14 6.79
CA VAL B 87 13.09 -2.96 6.64
C VAL B 87 11.84 -2.15 6.95
N TYR B 88 11.93 -1.28 7.96
CA TYR B 88 10.80 -0.43 8.28
C TYR B 88 10.57 0.60 7.19
N ALA B 89 11.63 1.14 6.60
CA ALA B 89 11.46 2.08 5.49
C ALA B 89 10.75 1.41 4.34
N LEU B 90 11.14 0.18 4.01
CA LEU B 90 10.53 -0.50 2.89
C LEU B 90 9.08 -0.85 3.19
N LYS B 91 8.79 -1.33 4.40
CA LYS B 91 7.39 -1.47 4.80
C LYS B 91 6.66 -0.16 4.67
N ARG B 92 7.33 0.95 4.96
CA ARG B 92 6.72 2.27 4.88
C ARG B 92 6.31 2.57 3.45
N GLN B 93 7.11 2.14 2.49
CA GLN B 93 6.79 2.48 1.11
C GLN B 93 6.10 1.34 0.37
N GLY B 94 6.01 0.16 0.96
CA GLY B 94 5.17 -0.88 0.38
C GLY B 94 5.78 -2.25 0.31
N ARG B 95 7.09 -2.33 0.11
CA ARG B 95 7.77 -3.59 -0.13
C ARG B 95 8.21 -4.17 1.21
N THR B 96 7.45 -5.12 1.73
CA THR B 96 7.86 -5.76 2.97
C THR B 96 8.99 -6.74 2.71
N LEU B 97 10.06 -6.63 3.49
CA LEU B 97 11.18 -7.55 3.38
C LEU B 97 11.03 -8.67 4.39
N TYR B 98 11.48 -9.87 4.00
CA TYR B 98 11.39 -11.05 4.84
C TYR B 98 12.79 -11.59 5.05
N GLY B 99 13.17 -11.76 6.31
CA GLY B 99 14.42 -12.46 6.58
C GLY B 99 15.54 -11.57 7.05
N PHE B 100 15.24 -10.54 7.83
CA PHE B 100 16.26 -9.68 8.39
C PHE B 100 16.07 -9.41 9.87
N GLY B 101 15.08 -10.01 10.51
CA GLY B 101 14.87 -9.80 11.93
C GLY B 101 13.63 -10.48 12.46
N GLU C 32 -17.92 14.94 14.31
CA GLU C 32 -16.55 15.20 14.74
C GLU C 32 -15.67 15.44 13.54
N THR C 33 -15.82 16.61 12.94
CA THR C 33 -15.16 16.96 11.69
C THR C 33 -14.32 18.21 11.88
N TYR C 34 -13.29 18.33 11.04
CA TYR C 34 -12.46 19.53 11.06
C TYR C 34 -12.95 20.57 10.07
N ALA C 35 -14.25 20.84 10.10
CA ALA C 35 -14.84 21.78 9.15
C ALA C 35 -14.50 23.21 9.53
N THR C 36 -14.83 23.60 10.76
CA THR C 36 -14.57 24.98 11.18
C THR C 36 -13.09 25.31 11.13
N TYR C 37 -12.25 24.36 11.49
CA TYR C 37 -10.81 24.62 11.50
C TYR C 37 -10.28 24.80 10.09
N ILE C 38 -10.79 24.00 9.15
CA ILE C 38 -10.37 24.18 7.77
C ILE C 38 -10.85 25.53 7.25
N TYR C 39 -12.04 25.96 7.67
CA TYR C 39 -12.47 27.32 7.35
C TYR C 39 -11.47 28.34 7.86
N LYS C 40 -11.04 28.18 9.12
CA LYS C 40 -10.14 29.14 9.72
C LYS C 40 -8.82 29.21 8.95
N VAL C 41 -8.25 28.05 8.64
CA VAL C 41 -6.98 28.05 7.92
C VAL C 41 -7.15 28.62 6.53
N LEU C 42 -8.28 28.35 5.87
CA LEU C 42 -8.51 28.90 4.55
C LEU C 42 -8.53 30.42 4.60
N ARG C 43 -9.24 30.97 5.57
CA ARG C 43 -9.29 32.43 5.70
C ARG C 43 -7.91 32.99 5.99
N SER C 44 -7.15 32.34 6.88
CA SER C 44 -5.82 32.82 7.21
C SER C 44 -4.89 32.79 6.01
N GLU C 45 -4.93 31.72 5.21
CA GLU C 45 -4.07 31.64 4.03
C GLU C 45 -4.48 32.64 2.96
N ASN C 46 -5.76 33.00 2.87
CA ASN C 46 -6.16 34.06 1.95
C ASN C 46 -5.38 35.35 2.17
N ILE C 47 -4.97 35.60 3.42
CA ILE C 47 -4.37 36.89 3.76
C ILE C 47 -3.10 37.13 2.96
N ARG C 48 -2.18 36.15 2.95
CA ARG C 48 -0.96 36.30 2.17
C ARG C 48 -1.25 36.25 0.66
N SER C 49 -2.16 35.39 0.23
CA SER C 49 -2.43 35.22 -1.19
C SER C 49 -2.94 36.53 -1.80
N GLU C 50 -2.43 36.86 -2.98
CA GLU C 50 -2.85 38.08 -3.66
C GLU C 50 -4.33 38.03 -4.04
N ALA C 51 -4.92 36.83 -4.02
CA ALA C 51 -6.31 36.67 -4.43
C ALA C 51 -7.26 37.36 -3.46
N ASP C 52 -6.98 37.25 -2.17
CA ASP C 52 -7.69 37.97 -1.09
C ASP C 52 -9.21 37.78 -1.16
N THR C 53 -9.65 36.75 -1.86
CA THR C 53 -11.06 36.40 -1.94
C THR C 53 -11.42 35.58 -0.71
N ASP C 54 -12.68 35.64 -0.29
CA ASP C 54 -13.12 34.85 0.84
C ASP C 54 -12.88 33.37 0.53
N LEU C 55 -13.06 32.99 -0.73
CA LEU C 55 -12.59 31.71 -1.23
C LEU C 55 -13.24 30.55 -0.47
N GLY C 56 -14.56 30.54 -0.42
CA GLY C 56 -15.23 29.50 0.31
C GLY C 56 -15.05 28.15 -0.34
N ILE C 57 -15.16 27.10 0.47
CA ILE C 57 -14.92 25.74 0.02
C ILE C 57 -16.26 25.04 -0.11
N SER C 58 -16.50 24.41 -1.26
CA SER C 58 -17.77 23.76 -1.50
C SER C 58 -17.95 22.56 -0.60
N ASN C 59 -19.20 22.34 -0.17
CA ASN C 59 -19.54 21.25 0.74
C ASN C 59 -18.82 19.97 0.40
N LYS C 60 -18.93 19.51 -0.84
CA LYS C 60 -18.20 18.31 -1.24
C LYS C 60 -16.70 18.53 -1.05
N GLY C 61 -16.20 19.71 -1.44
CA GLY C 61 -14.81 20.02 -1.18
C GLY C 61 -14.49 20.07 0.29
N MET C 62 -15.44 20.55 1.10
CA MET C 62 -15.24 20.56 2.54
C MET C 62 -15.11 19.15 3.08
N GLU C 63 -15.96 18.24 2.60
CA GLU C 63 -15.88 16.85 3.00
C GLU C 63 -14.56 16.25 2.57
N VAL C 64 -14.11 16.57 1.37
CA VAL C 64 -12.84 16.02 0.89
C VAL C 64 -11.69 16.52 1.75
N MET C 65 -11.66 17.82 2.06
CA MET C 65 -10.59 18.33 2.90
C MET C 65 -10.68 17.73 4.31
N ASN C 66 -11.88 17.54 4.83
CA ASN C 66 -12.01 16.90 6.13
C ASN C 66 -11.47 15.49 6.10
N SER C 67 -11.83 14.73 5.07
CA SER C 67 -11.31 13.38 4.97
C SER C 67 -9.81 13.38 4.75
N LEU C 68 -9.29 14.42 4.12
CA LEU C 68 -7.84 14.53 3.95
C LEU C 68 -7.17 14.76 5.29
N VAL C 69 -7.75 15.64 6.12
CA VAL C 69 -7.20 15.86 7.44
C VAL C 69 -7.26 14.58 8.26
N ASN C 70 -8.39 13.88 8.21
CA ASN C 70 -8.51 12.64 8.97
C ASN C 70 -7.53 11.59 8.46
N ASP C 71 -7.38 11.47 7.14
CA ASP C 71 -6.47 10.48 6.61
C ASP C 71 -5.04 10.81 6.95
N LEU C 72 -4.67 12.09 6.87
CA LEU C 72 -3.30 12.44 7.17
C LEU C 72 -3.03 12.37 8.67
N PHE C 73 -4.04 12.65 9.48
CA PHE C 73 -3.88 12.51 10.92
C PHE C 73 -3.75 11.05 11.30
N GLU C 74 -4.55 10.19 10.69
CA GLU C 74 -4.42 8.75 10.93
C GLU C 74 -3.06 8.26 10.47
N ARG C 75 -2.58 8.75 9.33
CA ARG C 75 -1.29 8.31 8.83
C ARG C 75 -0.17 8.74 9.76
N ILE C 76 -0.17 10.00 10.18
CA ILE C 76 0.89 10.49 11.06
C ILE C 76 0.80 9.84 12.43
N ALA C 77 -0.40 9.69 12.97
CA ALA C 77 -0.53 9.09 14.29
C ALA C 77 -0.19 7.61 14.26
N SER C 78 -0.53 6.91 13.18
CA SER C 78 -0.16 5.52 13.06
C SER C 78 1.33 5.37 12.92
N GLU C 79 1.97 6.26 12.14
CA GLU C 79 3.41 6.22 12.04
C GLU C 79 4.07 6.57 13.36
N ALA C 80 3.46 7.46 14.15
CA ALA C 80 4.00 7.76 15.46
C ALA C 80 3.86 6.58 16.39
N SER C 81 2.74 5.85 16.29
CA SER C 81 2.58 4.63 17.07
C SER C 81 3.64 3.61 16.72
N ASN C 82 3.85 3.40 15.43
CA ASN C 82 4.87 2.45 15.02
C ASN C 82 6.25 2.90 15.47
N LEU C 83 6.50 4.21 15.47
CA LEU C 83 7.79 4.71 15.91
C LEU C 83 7.97 4.56 17.42
N ALA C 84 6.90 4.72 18.19
CA ALA C 84 6.96 4.45 19.61
C ALA C 84 7.22 2.98 19.87
N LYS C 85 6.44 2.09 19.25
CA LYS C 85 6.66 0.66 19.42
C LYS C 85 8.06 0.25 18.98
N ILE C 86 8.61 0.91 17.97
CA ILE C 86 9.97 0.63 17.52
C ILE C 86 10.97 1.04 18.59
N SER C 87 10.90 2.30 19.02
CA SER C 87 11.81 2.74 20.06
C SER C 87 11.45 2.22 21.43
N LYS C 88 10.38 1.44 21.54
CA LYS C 88 9.94 0.83 22.80
C LYS C 88 9.73 1.90 23.88
N ARG C 89 8.72 2.73 23.62
CA ARG C 89 8.30 3.74 24.57
C ARG C 89 6.79 3.80 24.58
N ASN C 90 6.23 4.04 25.76
CA ASN C 90 4.79 4.05 25.90
C ASN C 90 4.15 5.36 25.47
N THR C 91 4.92 6.43 25.28
CA THR C 91 4.39 7.75 24.96
C THR C 91 4.88 8.18 23.58
N ILE C 92 4.02 8.82 22.81
CA ILE C 92 4.41 9.38 21.51
C ILE C 92 4.65 10.87 21.74
N GLY C 93 5.91 11.21 22.01
CA GLY C 93 6.29 12.58 22.27
C GLY C 93 6.25 13.47 21.05
N LYS C 94 6.94 14.60 21.10
CA LYS C 94 7.10 15.40 19.90
C LYS C 94 8.06 14.74 18.93
N LYS C 95 9.06 14.02 19.44
CA LYS C 95 9.98 13.33 18.55
C LYS C 95 9.23 12.40 17.61
N ASP C 96 8.24 11.68 18.12
CA ASP C 96 7.54 10.70 17.30
C ASP C 96 6.65 11.36 16.28
N ILE C 97 5.91 12.40 16.67
CA ILE C 97 5.07 13.06 15.68
C ILE C 97 5.93 13.77 14.65
N GLU C 98 7.11 14.24 15.02
CA GLU C 98 7.97 14.89 14.04
C GLU C 98 8.54 13.88 13.06
N SER C 99 9.03 12.74 13.56
CA SER C 99 9.51 11.71 12.64
C SER C 99 8.38 11.16 11.79
N ALA C 100 7.17 11.08 12.33
CA ALA C 100 6.06 10.60 11.52
C ALA C 100 5.69 11.62 10.45
N ALA C 101 5.80 12.91 10.75
CA ALA C 101 5.54 13.92 9.73
C ALA C 101 6.65 13.94 8.70
N LYS C 102 7.85 13.55 9.10
CA LYS C 102 8.97 13.46 8.17
C LYS C 102 8.87 12.23 7.29
N LEU C 103 8.14 11.21 7.74
CA LEU C 103 7.90 10.02 6.93
C LEU C 103 6.70 10.17 6.02
N VAL C 104 5.57 10.58 6.58
CA VAL C 104 4.35 10.69 5.80
C VAL C 104 4.46 11.82 4.79
N ILE C 105 4.98 12.97 5.22
CA ILE C 105 5.06 14.17 4.40
C ILE C 105 6.51 14.46 4.06
N PRO C 106 7.08 13.82 3.05
CA PRO C 106 8.50 13.99 2.77
C PRO C 106 8.76 15.06 1.72
N GLY C 107 10.01 15.50 1.66
CA GLY C 107 10.43 16.41 0.61
C GLY C 107 10.53 17.85 1.03
N GLU C 108 10.34 18.77 0.08
CA GLU C 108 10.41 20.19 0.42
C GLU C 108 9.17 20.62 1.19
N ILE C 109 7.98 20.22 0.74
CA ILE C 109 6.77 20.58 1.48
C ILE C 109 6.83 19.98 2.88
N GLY C 110 7.46 18.82 3.03
CA GLY C 110 7.59 18.24 4.35
C GLY C 110 8.50 19.03 5.26
N ARG C 111 9.62 19.52 4.73
CA ARG C 111 10.50 20.35 5.53
C ARG C 111 9.83 21.66 5.91
N LEU C 112 9.11 22.27 4.97
CA LEU C 112 8.44 23.53 5.27
C LEU C 112 7.38 23.32 6.35
N ILE C 113 6.61 22.25 6.25
CA ILE C 113 5.53 22.02 7.19
C ILE C 113 6.08 21.67 8.56
N ARG C 114 7.10 20.82 8.63
CA ARG C 114 7.69 20.54 9.93
C ARG C 114 8.34 21.77 10.54
N ASP C 115 8.88 22.67 9.70
CA ASP C 115 9.48 23.89 10.23
C ASP C 115 8.41 24.82 10.81
N GLU C 116 7.33 25.05 10.07
CA GLU C 116 6.27 25.89 10.60
C GLU C 116 5.59 25.23 11.79
N ALA C 117 5.59 23.90 11.85
CA ALA C 117 5.07 23.22 13.02
C ALA C 117 5.98 23.41 14.23
N ASP C 118 7.29 23.37 14.02
CA ASP C 118 8.21 23.68 15.10
C ASP C 118 8.03 25.11 15.56
N LYS C 119 7.73 26.01 14.63
CA LYS C 119 7.43 27.39 15.01
C LYS C 119 6.22 27.44 15.94
N ALA C 120 5.13 26.79 15.53
CA ALA C 120 3.93 26.77 16.35
C ALA C 120 4.21 26.15 17.73
N LEU C 121 4.97 25.07 17.77
CA LEU C 121 5.23 24.42 19.04
C LEU C 121 6.10 25.27 19.94
N SER C 122 7.12 25.93 19.38
CA SER C 122 7.94 26.82 20.18
C SER C 122 7.11 27.97 20.73
N LYS C 123 6.25 28.54 19.91
CA LYS C 123 5.37 29.61 20.39
C LYS C 123 4.47 29.11 21.52
N PHE C 124 3.95 27.90 21.39
CA PHE C 124 3.04 27.36 22.40
C PHE C 124 3.77 27.06 23.70
N THR C 125 4.97 26.48 23.60
CA THR C 125 5.68 26.06 24.80
C THR C 125 6.25 27.23 25.58
N SER C 126 6.63 28.32 24.90
CA SER C 126 7.14 29.48 25.61
C SER C 126 6.08 30.23 26.39
N SER C 127 4.83 29.78 26.37
CA SER C 127 3.78 30.46 27.12
C SER C 127 3.44 29.70 28.40
N LYS D 47 -13.05 14.28 -39.91
CA LYS D 47 -14.30 14.06 -39.19
C LYS D 47 -14.19 12.85 -38.26
N GLN D 48 -13.39 11.86 -38.67
CA GLN D 48 -13.24 10.64 -37.86
C GLN D 48 -12.61 10.93 -36.51
N GLY D 49 -12.10 12.14 -36.29
CA GLY D 49 -11.54 12.49 -35.00
C GLY D 49 -11.90 13.90 -34.60
N MET D 50 -12.91 14.48 -35.26
CA MET D 50 -13.27 15.86 -34.99
C MET D 50 -13.97 15.99 -33.64
N VAL D 51 -14.81 15.03 -33.27
CA VAL D 51 -15.52 15.09 -32.00
C VAL D 51 -14.79 14.35 -30.90
N ALA D 52 -13.69 13.67 -31.19
CA ALA D 52 -12.93 13.02 -30.13
C ALA D 52 -12.34 14.04 -29.17
N VAL D 53 -11.82 15.15 -29.70
CA VAL D 53 -11.28 16.19 -28.83
C VAL D 53 -12.38 16.86 -28.03
N LYS D 54 -13.52 17.14 -28.67
CA LYS D 54 -14.64 17.70 -27.94
C LYS D 54 -15.10 16.76 -26.84
N GLU D 55 -15.15 15.46 -27.12
CA GLU D 55 -15.53 14.47 -26.13
C GLU D 55 -14.55 14.44 -24.96
N ILE D 56 -13.26 14.40 -25.26
CA ILE D 56 -12.26 14.32 -24.20
C ILE D 56 -12.27 15.58 -23.35
N LYS D 57 -12.43 16.75 -23.97
CA LYS D 57 -12.46 17.98 -23.20
C LYS D 57 -13.72 18.07 -22.35
N LYS D 58 -14.87 17.69 -22.93
CA LYS D 58 -16.12 17.74 -22.19
C LYS D 58 -16.11 16.80 -21.01
N TYR D 59 -15.52 15.61 -21.18
CA TYR D 59 -15.50 14.63 -20.11
C TYR D 59 -14.31 14.77 -19.18
N GLN D 60 -13.38 15.66 -19.47
CA GLN D 60 -12.34 16.00 -18.50
C GLN D 60 -12.63 17.29 -17.75
N LYS D 61 -13.51 18.16 -18.26
CA LYS D 61 -13.90 19.35 -17.52
C LYS D 61 -14.89 19.05 -16.41
N SER D 62 -15.65 17.97 -16.52
CA SER D 62 -16.72 17.69 -15.57
C SER D 62 -16.21 16.76 -14.48
N THR D 63 -17.09 16.45 -13.52
CA THR D 63 -16.73 15.62 -12.39
C THR D 63 -17.80 14.58 -12.06
N ASP D 64 -18.80 14.39 -12.92
CA ASP D 64 -19.92 13.52 -12.59
C ASP D 64 -19.48 12.05 -12.58
N LEU D 65 -20.44 11.18 -12.34
CA LEU D 65 -20.20 9.73 -12.37
C LEU D 65 -20.59 9.20 -13.75
N LEU D 66 -19.63 8.56 -14.42
CA LEU D 66 -19.81 8.22 -15.82
C LEU D 66 -20.75 7.04 -15.99
N ILE D 67 -20.48 5.94 -15.29
CA ILE D 67 -21.33 4.77 -15.41
C ILE D 67 -22.70 5.07 -14.82
N ARG D 68 -23.75 4.74 -15.55
CA ARG D 68 -25.11 5.02 -15.07
C ARG D 68 -25.32 4.35 -13.73
N LYS D 69 -26.01 5.03 -12.82
CA LYS D 69 -26.00 4.63 -11.42
C LYS D 69 -26.78 3.33 -11.21
N LEU D 70 -27.92 3.18 -11.85
CA LEU D 70 -28.70 1.97 -11.60
C LEU D 70 -28.07 0.73 -12.20
N PRO D 71 -27.50 0.78 -13.42
CA PRO D 71 -26.82 -0.43 -13.91
C PRO D 71 -25.61 -0.81 -13.09
N PHE D 72 -24.82 0.16 -12.64
CA PHE D 72 -23.70 -0.20 -11.78
C PHE D 72 -24.18 -0.76 -10.46
N SER D 73 -25.25 -0.18 -9.89
CA SER D 73 -25.82 -0.72 -8.67
C SER D 73 -26.33 -2.13 -8.88
N LYS D 74 -26.96 -2.38 -10.02
CA LYS D 74 -27.41 -3.72 -10.37
C LYS D 74 -26.24 -4.68 -10.45
N LEU D 75 -25.12 -4.23 -11.04
CA LEU D 75 -23.94 -5.08 -11.09
C LEU D 75 -23.44 -5.38 -9.69
N VAL D 76 -23.42 -4.39 -8.82
CA VAL D 76 -22.92 -4.59 -7.46
C VAL D 76 -23.79 -5.60 -6.72
N ARG D 77 -25.11 -5.46 -6.81
CA ARG D 77 -25.96 -6.44 -6.16
C ARG D 77 -25.84 -7.82 -6.80
N ASP D 78 -25.71 -7.88 -8.13
CA ASP D 78 -25.58 -9.16 -8.80
C ASP D 78 -24.28 -9.86 -8.41
N ILE D 79 -23.19 -9.13 -8.34
CA ILE D 79 -21.92 -9.74 -7.95
C ILE D 79 -21.96 -10.18 -6.50
N VAL D 80 -22.59 -9.38 -5.63
CA VAL D 80 -22.64 -9.77 -4.23
C VAL D 80 -23.41 -11.06 -4.04
N THR D 81 -24.44 -11.29 -4.86
CA THR D 81 -25.22 -12.52 -4.72
C THR D 81 -24.66 -13.65 -5.58
N SER D 82 -24.36 -13.37 -6.86
CA SER D 82 -23.87 -14.44 -7.72
C SER D 82 -22.47 -14.88 -7.31
N GLY D 83 -21.50 -13.97 -7.40
CA GLY D 83 -20.12 -14.36 -7.17
C GLY D 83 -19.83 -14.72 -5.72
N LEU D 84 -20.14 -13.82 -4.79
CA LEU D 84 -19.86 -14.05 -3.38
C LEU D 84 -20.76 -15.14 -2.80
N SER D 85 -22.00 -15.21 -3.28
CA SER D 85 -23.09 -16.11 -2.88
C SER D 85 -23.80 -15.60 -1.64
N LYS D 86 -23.36 -14.51 -1.04
CA LYS D 86 -24.05 -13.93 0.09
C LYS D 86 -25.41 -13.40 -0.38
N SER D 87 -26.43 -13.59 0.44
CA SER D 87 -27.77 -13.21 0.03
C SER D 87 -28.43 -12.24 1.02
N ASP D 88 -29.41 -11.52 0.49
CA ASP D 88 -30.20 -10.56 1.26
C ASP D 88 -29.30 -9.52 1.90
N ILE D 89 -28.31 -9.06 1.14
CA ILE D 89 -27.43 -7.97 1.57
C ILE D 89 -27.92 -6.68 0.95
N ARG D 90 -28.13 -5.67 1.78
CA ARG D 90 -28.71 -4.40 1.37
C ARG D 90 -27.61 -3.35 1.32
N PHE D 91 -27.54 -2.60 0.23
CA PHE D 91 -26.49 -1.62 0.03
C PHE D 91 -26.95 -0.22 0.38
N GLN D 92 -26.31 0.38 1.38
CA GLN D 92 -26.51 1.79 1.67
C GLN D 92 -26.22 2.61 0.41
N GLY D 93 -27.04 3.62 0.18
CA GLY D 93 -26.90 4.41 -1.03
C GLY D 93 -25.51 5.01 -1.17
N ALA D 94 -25.00 5.59 -0.09
CA ALA D 94 -23.64 6.11 -0.13
C ALA D 94 -22.62 5.03 -0.37
N ALA D 95 -22.91 3.78 -0.03
CA ALA D 95 -21.94 2.72 -0.26
C ALA D 95 -21.85 2.39 -1.73
N VAL D 96 -22.99 2.24 -2.39
CA VAL D 96 -22.96 2.09 -3.85
C VAL D 96 -22.32 3.31 -4.49
N GLU D 97 -22.52 4.49 -3.91
CA GLU D 97 -21.94 5.69 -4.50
C GLU D 97 -20.42 5.66 -4.38
N ALA D 98 -19.89 5.28 -3.23
CA ALA D 98 -18.44 5.23 -3.07
C ALA D 98 -17.84 4.10 -3.88
N LEU D 99 -18.52 2.95 -3.92
CA LEU D 99 -18.09 1.89 -4.83
C LEU D 99 -18.01 2.38 -6.25
N GLN D 100 -19.05 3.06 -6.74
CA GLN D 100 -19.04 3.50 -8.12
C GLN D 100 -17.97 4.53 -8.37
N GLU D 101 -17.82 5.49 -7.45
CA GLU D 101 -16.79 6.50 -7.64
C GLU D 101 -15.41 5.88 -7.67
N SER D 102 -15.13 4.95 -6.75
CA SER D 102 -13.81 4.34 -6.72
C SER D 102 -13.59 3.40 -7.89
N ALA D 103 -14.62 2.66 -8.30
CA ALA D 103 -14.45 1.73 -9.40
C ALA D 103 -14.29 2.47 -10.71
N GLU D 104 -15.05 3.53 -10.93
CA GLU D 104 -14.89 4.29 -12.16
C GLU D 104 -13.61 5.09 -12.14
N ASN D 105 -13.12 5.50 -10.98
CA ASN D 105 -11.81 6.16 -10.95
C ASN D 105 -10.71 5.15 -11.19
N TYR D 106 -10.89 3.91 -10.74
CA TYR D 106 -9.92 2.87 -11.04
C TYR D 106 -9.90 2.54 -12.53
N ILE D 107 -11.07 2.45 -13.15
CA ILE D 107 -11.13 2.20 -14.58
C ILE D 107 -10.58 3.38 -15.37
N ILE D 108 -10.82 4.60 -14.89
CA ILE D 108 -10.28 5.76 -15.58
C ILE D 108 -8.76 5.78 -15.51
N SER D 109 -8.20 5.45 -14.34
CA SER D 109 -6.75 5.34 -14.28
C SER D 109 -6.25 4.18 -15.14
N LEU D 110 -7.03 3.11 -15.23
CA LEU D 110 -6.66 2.02 -16.13
C LEU D 110 -6.62 2.48 -17.57
N PHE D 111 -7.54 3.36 -17.95
CA PHE D 111 -7.56 3.85 -19.32
C PHE D 111 -6.48 4.89 -19.57
N VAL D 112 -6.13 5.68 -18.57
CA VAL D 112 -4.93 6.51 -18.68
C VAL D 112 -3.72 5.63 -18.96
N ASP D 113 -3.54 4.59 -18.16
CA ASP D 113 -2.41 3.70 -18.36
C ASP D 113 -2.50 2.95 -19.68
N THR D 114 -3.71 2.69 -20.15
CA THR D 114 -3.87 2.01 -21.42
C THR D 114 -3.52 2.92 -22.60
N GLN D 115 -3.95 4.18 -22.53
CA GLN D 115 -3.56 5.12 -23.57
C GLN D 115 -2.06 5.33 -23.54
N LEU D 116 -1.45 5.31 -22.37
CA LEU D 116 0.01 5.39 -22.31
C LEU D 116 0.63 4.19 -22.99
N CYS D 117 0.10 2.99 -22.74
CA CYS D 117 0.64 1.79 -23.38
C CYS D 117 0.50 1.87 -24.88
N ALA D 118 -0.69 2.25 -25.36
CA ALA D 118 -0.91 2.38 -26.79
C ALA D 118 0.06 3.39 -27.40
N GLU D 119 -0.04 4.65 -26.97
CA GLU D 119 0.86 5.69 -27.41
C GLU D 119 2.32 5.24 -27.38
N HIS D 120 2.67 4.34 -26.46
CA HIS D 120 4.01 3.77 -26.48
C HIS D 120 4.19 2.78 -27.61
N ALA D 121 3.14 2.05 -27.98
CA ALA D 121 3.26 1.14 -29.10
C ALA D 121 3.06 1.84 -30.43
N LYS D 122 3.15 3.17 -30.46
CA LYS D 122 3.00 3.96 -31.68
C LYS D 122 1.66 3.69 -32.34
N ARG D 123 0.61 3.60 -31.52
CA ARG D 123 -0.75 3.32 -31.95
C ARG D 123 -1.67 4.46 -31.51
N VAL D 124 -2.93 4.36 -31.91
CA VAL D 124 -3.93 5.35 -31.53
C VAL D 124 -5.12 4.66 -30.88
N THR D 125 -5.35 3.40 -31.22
CA THR D 125 -6.52 2.67 -30.73
C THR D 125 -6.06 1.71 -29.64
N ILE D 126 -6.53 1.96 -28.41
CA ILE D 126 -6.25 1.02 -27.33
C ILE D 126 -6.86 -0.32 -27.68
N MET D 127 -6.08 -1.38 -27.55
CA MET D 127 -6.54 -2.71 -27.88
C MET D 127 -6.26 -3.63 -26.69
N LYS D 128 -6.97 -4.75 -26.66
CA LYS D 128 -6.88 -5.65 -25.51
C LYS D 128 -5.45 -5.91 -25.05
N PRO D 129 -4.45 -6.02 -25.93
CA PRO D 129 -3.07 -6.05 -25.41
C PRO D 129 -2.70 -4.82 -24.61
N ASP D 130 -3.19 -3.64 -25.01
CA ASP D 130 -2.86 -2.43 -24.28
C ASP D 130 -3.42 -2.47 -22.86
N MET D 131 -4.67 -2.90 -22.71
CA MET D 131 -5.27 -2.99 -21.39
C MET D 131 -4.63 -4.11 -20.59
N GLU D 132 -4.29 -5.21 -21.23
CA GLU D 132 -3.64 -6.30 -20.52
C GLU D 132 -2.27 -5.86 -20.00
N LEU D 133 -1.58 -5.01 -20.74
CA LEU D 133 -0.31 -4.49 -20.24
C LEU D 133 -0.53 -3.50 -19.10
N ALA D 134 -1.49 -2.60 -19.25
CA ALA D 134 -1.75 -1.66 -18.16
C ALA D 134 -2.27 -2.35 -16.92
N THR D 135 -2.79 -3.56 -17.06
CA THR D 135 -3.21 -4.35 -15.91
C THR D 135 -2.08 -5.18 -15.33
N ARG D 136 -1.17 -5.67 -16.15
CA ARG D 136 -0.08 -6.49 -15.63
C ARG D 136 1.05 -5.64 -15.07
N ILE D 137 1.34 -4.50 -15.70
CA ILE D 137 2.47 -3.69 -15.26
C ILE D 137 2.13 -2.96 -13.98
N GLY D 138 1.14 -2.06 -14.03
CA GLY D 138 0.59 -1.50 -12.83
C GLY D 138 -0.13 -2.59 -12.09
N LYS D 139 0.30 -2.89 -10.88
CA LYS D 139 -0.10 -4.16 -10.27
C LYS D 139 -1.57 -4.14 -9.90
N ARG D 140 -2.44 -4.05 -10.90
CA ARG D 140 -3.87 -4.05 -10.68
C ARG D 140 -4.38 -5.47 -10.50
N ILE D 141 -5.68 -5.59 -10.28
CA ILE D 141 -6.30 -6.89 -10.05
C ILE D 141 -6.64 -7.48 -11.41
N GLU D 142 -5.89 -8.50 -11.80
CA GLU D 142 -6.15 -9.17 -13.06
C GLU D 142 -7.49 -9.90 -12.99
N PRO D 143 -8.21 -9.98 -14.11
CA PRO D 143 -9.44 -10.75 -14.14
C PRO D 143 -9.16 -12.23 -13.91
N GLU D 144 -10.24 -12.97 -13.65
CA GLU D 144 -10.12 -14.41 -13.49
C GLU D 144 -9.62 -15.05 -14.77
N TYR D 145 -10.42 -14.97 -15.83
CA TYR D 145 -10.07 -15.52 -17.13
C TYR D 145 -11.10 -15.07 -18.16
N ASP E 24 -25.94 -10.77 -18.07
CA ASP E 24 -26.82 -9.61 -18.03
C ASP E 24 -26.44 -8.70 -16.88
N THR E 25 -25.23 -8.88 -16.35
CA THR E 25 -24.73 -8.08 -15.25
C THR E 25 -23.78 -6.99 -15.73
N LEU E 26 -22.70 -7.39 -16.41
CA LEU E 26 -21.75 -6.42 -16.93
C LEU E 26 -22.36 -5.60 -18.05
N GLY E 27 -23.36 -6.15 -18.76
CA GLY E 27 -24.06 -5.37 -19.76
C GLY E 27 -24.55 -4.05 -19.23
N GLY E 28 -24.81 -3.98 -17.92
CA GLY E 28 -25.09 -2.70 -17.30
C GLY E 28 -24.00 -1.67 -17.55
N ILE E 29 -22.74 -2.10 -17.53
CA ILE E 29 -21.65 -1.21 -17.89
C ILE E 29 -21.65 -1.17 -19.40
N THR E 30 -22.46 -0.28 -19.96
CA THR E 30 -22.74 -0.34 -21.38
C THR E 30 -21.57 0.19 -22.19
N LYS E 31 -21.59 -0.12 -23.49
CA LYS E 31 -20.49 0.29 -24.36
C LYS E 31 -20.24 1.79 -24.32
N PRO E 32 -21.24 2.67 -24.44
CA PRO E 32 -20.96 4.09 -24.26
C PRO E 32 -20.51 4.45 -22.88
N ALA E 33 -20.79 3.63 -21.86
CA ALA E 33 -20.24 3.93 -20.53
C ALA E 33 -18.74 3.74 -20.52
N ILE E 34 -18.24 2.65 -21.10
CA ILE E 34 -16.80 2.50 -21.22
C ILE E 34 -16.24 3.57 -22.14
N ARG E 35 -16.98 3.95 -23.17
CA ARG E 35 -16.54 5.04 -24.03
C ARG E 35 -16.33 6.32 -23.23
N ARG E 36 -17.31 6.69 -22.41
CA ARG E 36 -17.22 7.90 -21.62
C ARG E 36 -16.08 7.80 -20.61
N LEU E 37 -16.04 6.70 -19.85
CA LEU E 37 -14.96 6.48 -18.90
C LEU E 37 -13.62 6.69 -19.55
N ALA E 38 -13.41 6.07 -20.70
CA ALA E 38 -12.11 6.12 -21.33
C ALA E 38 -11.82 7.49 -21.93
N ARG E 39 -12.86 8.18 -22.42
CA ARG E 39 -12.64 9.54 -22.92
C ARG E 39 -12.18 10.44 -21.79
N ARG E 40 -12.82 10.35 -20.64
CA ARG E 40 -12.32 11.08 -19.48
C ARG E 40 -10.91 10.63 -19.13
N GLY E 41 -10.64 9.33 -19.26
CA GLY E 41 -9.30 8.84 -19.02
C GLY E 41 -8.30 9.40 -20.00
N GLY E 42 -8.67 9.50 -21.27
CA GLY E 42 -7.80 10.15 -22.21
C GLY E 42 -7.69 9.53 -23.59
N VAL E 43 -8.30 8.35 -23.79
CA VAL E 43 -8.09 7.63 -25.04
C VAL E 43 -8.86 8.28 -26.17
N LYS E 44 -8.52 7.91 -27.41
CA LYS E 44 -9.14 8.47 -28.60
C LYS E 44 -10.03 7.46 -29.29
N ARG E 45 -9.49 6.30 -29.66
CA ARG E 45 -10.24 5.27 -30.36
C ARG E 45 -10.14 3.98 -29.57
N ILE E 46 -11.27 3.33 -29.34
CA ILE E 46 -11.33 2.16 -28.48
C ILE E 46 -11.64 0.95 -29.36
N SER E 47 -10.85 -0.10 -29.21
CA SER E 47 -11.10 -1.33 -29.95
C SER E 47 -12.37 -2.00 -29.45
N SER E 48 -12.71 -3.12 -30.07
CA SER E 48 -13.92 -3.84 -29.65
C SER E 48 -13.66 -4.81 -28.52
N THR E 49 -12.45 -5.35 -28.42
CA THR E 49 -12.14 -6.23 -27.29
C THR E 49 -12.02 -5.46 -26.00
N ILE E 50 -11.70 -4.16 -26.08
CA ILE E 50 -11.51 -3.38 -24.86
C ILE E 50 -12.79 -3.33 -24.05
N TYR E 51 -13.95 -3.33 -24.69
CA TYR E 51 -15.18 -3.28 -23.91
C TYR E 51 -15.30 -4.50 -23.00
N GLN E 52 -15.17 -5.70 -23.56
CA GLN E 52 -15.27 -6.89 -22.70
C GLN E 52 -14.14 -6.93 -21.69
N GLN E 53 -12.93 -6.55 -22.10
CA GLN E 53 -11.82 -6.64 -21.17
C GLN E 53 -11.97 -5.68 -20.00
N THR E 54 -12.42 -4.45 -20.26
CA THR E 54 -12.62 -3.54 -19.15
C THR E 54 -13.83 -3.92 -18.32
N ARG E 55 -14.83 -4.55 -18.93
CA ARG E 55 -15.94 -5.05 -18.12
C ARG E 55 -15.46 -6.11 -17.15
N GLU E 56 -14.63 -7.04 -17.62
CA GLU E 56 -14.16 -8.08 -16.73
C GLU E 56 -12.91 -7.69 -15.95
N VAL E 57 -12.43 -6.46 -16.11
CA VAL E 57 -11.50 -5.89 -15.15
C VAL E 57 -12.22 -5.15 -14.04
N LEU E 58 -13.20 -4.33 -14.40
CA LEU E 58 -14.07 -3.71 -13.41
C LEU E 58 -14.76 -4.75 -12.55
N LYS E 59 -15.15 -5.88 -13.15
CA LYS E 59 -15.79 -6.91 -12.35
C LYS E 59 -14.82 -7.57 -11.38
N ALA E 60 -13.56 -7.71 -11.76
CA ALA E 60 -12.60 -8.28 -10.82
C ALA E 60 -12.27 -7.30 -9.71
N PHE E 61 -12.13 -6.02 -10.04
CA PHE E 61 -11.92 -5.02 -9.01
C PHE E 61 -13.09 -4.98 -8.04
N LEU E 62 -14.31 -5.04 -8.56
CA LEU E 62 -15.46 -5.08 -7.67
C LEU E 62 -15.53 -6.37 -6.88
N GLU E 63 -15.13 -7.50 -7.46
CA GLU E 63 -15.08 -8.73 -6.69
C GLU E 63 -14.20 -8.56 -5.47
N VAL E 64 -12.99 -8.02 -5.67
CA VAL E 64 -12.08 -7.88 -4.53
C VAL E 64 -12.62 -6.86 -3.53
N VAL E 65 -13.02 -5.68 -4.00
CA VAL E 65 -13.44 -4.63 -3.10
C VAL E 65 -14.71 -5.04 -2.37
N LEU E 66 -15.62 -5.74 -3.04
CA LEU E 66 -16.83 -6.16 -2.39
C LEU E 66 -16.62 -7.34 -1.48
N ARG E 67 -15.63 -8.19 -1.75
CA ARG E 67 -15.30 -9.20 -0.77
C ARG E 67 -14.81 -8.55 0.53
N ASP E 68 -13.88 -7.61 0.41
CA ASP E 68 -13.39 -6.97 1.63
C ASP E 68 -14.48 -6.13 2.30
N SER E 69 -15.38 -5.54 1.53
CA SER E 69 -16.44 -4.73 2.12
C SER E 69 -17.50 -5.59 2.78
N LEU E 70 -17.85 -6.73 2.18
CA LEU E 70 -18.75 -7.65 2.85
C LEU E 70 -18.12 -8.23 4.09
N THR E 71 -16.81 -8.40 4.12
CA THR E 71 -16.17 -8.80 5.37
C THR E 71 -16.32 -7.72 6.43
N TYR E 72 -15.97 -6.48 6.09
CA TYR E 72 -16.10 -5.38 7.04
C TYR E 72 -17.54 -5.17 7.48
N THR E 73 -18.51 -5.62 6.69
CA THR E 73 -19.90 -5.53 7.13
C THR E 73 -20.27 -6.70 8.04
N GLU E 74 -20.18 -7.92 7.53
CA GLU E 74 -20.51 -9.09 8.32
C GLU E 74 -19.77 -9.12 9.65
N HIS E 75 -18.62 -8.45 9.75
CA HIS E 75 -17.99 -8.37 11.06
C HIS E 75 -18.78 -7.49 12.02
N GLY E 76 -19.27 -6.36 11.55
CA GLY E 76 -20.03 -5.47 12.39
C GLY E 76 -21.41 -6.00 12.71
N GLN E 77 -21.65 -7.27 12.42
CA GLN E 77 -22.96 -7.89 12.57
C GLN E 77 -24.05 -7.02 11.95
N ARG E 78 -23.90 -6.77 10.65
CA ARG E 78 -24.85 -6.00 9.89
C ARG E 78 -25.20 -6.76 8.63
N LYS E 79 -26.10 -6.18 7.84
CA LYS E 79 -26.27 -6.59 6.45
C LYS E 79 -26.38 -5.42 5.51
N THR E 80 -26.50 -4.18 5.99
CA THR E 80 -26.50 -3.00 5.14
C THR E 80 -25.07 -2.53 5.01
N VAL E 81 -24.43 -2.86 3.89
CA VAL E 81 -23.07 -2.41 3.61
C VAL E 81 -23.03 -0.90 3.60
N THR E 82 -22.34 -0.31 4.57
CA THR E 82 -22.28 1.13 4.68
C THR E 82 -21.16 1.65 3.79
N SER E 83 -21.20 2.96 3.50
CA SER E 83 -20.09 3.55 2.78
C SER E 83 -18.82 3.57 3.60
N GLN E 84 -18.93 3.52 4.92
CA GLN E 84 -17.74 3.33 5.73
C GLN E 84 -17.12 1.97 5.48
N ASP E 85 -17.95 0.94 5.32
CA ASP E 85 -17.41 -0.37 4.98
C ASP E 85 -16.68 -0.34 3.65
N VAL E 86 -17.22 0.40 2.68
CA VAL E 86 -16.55 0.48 1.39
C VAL E 86 -15.24 1.25 1.50
N VAL E 87 -15.26 2.38 2.20
CA VAL E 87 -14.03 3.16 2.38
C VAL E 87 -12.96 2.31 3.04
N TYR E 88 -13.35 1.50 4.02
CA TYR E 88 -12.38 0.64 4.69
C TYR E 88 -11.89 -0.46 3.77
N ALA E 89 -12.80 -1.06 3.01
CA ALA E 89 -12.39 -2.14 2.12
C ALA E 89 -11.45 -1.63 1.05
N LEU E 90 -11.64 -0.38 0.61
CA LEU E 90 -10.72 0.21 -0.35
C LEU E 90 -9.39 0.51 0.31
N LYS E 91 -9.40 1.21 1.44
CA LYS E 91 -8.17 1.42 2.19
C LYS E 91 -7.41 0.14 2.44
N ARG E 92 -8.12 -1.00 2.42
CA ARG E 92 -7.45 -2.29 2.50
C ARG E 92 -6.56 -2.53 1.29
N GLN E 93 -6.90 -1.95 0.14
CA GLN E 93 -6.08 -2.05 -1.06
C GLN E 93 -5.32 -0.77 -1.35
N GLY E 94 -5.01 0.02 -0.33
CA GLY E 94 -4.25 1.23 -0.52
C GLY E 94 -5.02 2.37 -1.13
N ARG E 95 -6.08 2.09 -1.88
CA ARG E 95 -6.86 3.14 -2.52
C ARG E 95 -7.79 3.77 -1.49
N THR E 96 -7.41 4.92 -0.96
CA THR E 96 -8.21 5.56 0.06
C THR E 96 -9.19 6.50 -0.61
N LEU E 97 -10.41 6.55 -0.09
CA LEU E 97 -11.41 7.48 -0.57
C LEU E 97 -11.48 8.68 0.34
N TYR E 98 -11.55 9.87 -0.25
CA TYR E 98 -11.79 11.09 0.50
C TYR E 98 -13.19 11.57 0.16
N GLY E 99 -13.97 11.89 1.17
CA GLY E 99 -15.28 12.45 0.97
C GLY E 99 -16.43 11.57 1.41
N PHE E 100 -16.21 10.60 2.29
CA PHE E 100 -17.29 9.81 2.84
C PHE E 100 -17.22 9.57 4.33
N GLY E 101 -16.07 9.80 4.97
CA GLY E 101 -15.93 9.55 6.40
C GLY E 101 -14.47 9.44 6.81
N GLU F 32 13.44 -14.20 20.40
CA GLU F 32 12.00 -14.40 20.38
C GLU F 32 11.48 -14.67 18.98
N THR F 33 11.75 -15.88 18.51
CA THR F 33 11.49 -16.30 17.16
C THR F 33 10.58 -17.52 17.17
N TYR F 34 9.85 -17.71 16.08
CA TYR F 34 9.02 -18.89 15.93
C TYR F 34 9.77 -19.99 15.20
N ALA F 35 10.99 -20.26 15.65
CA ALA F 35 11.81 -21.27 14.98
C ALA F 35 11.35 -22.68 15.33
N THR F 36 11.28 -23.00 16.61
CA THR F 36 10.88 -24.34 17.02
C THR F 36 9.47 -24.66 16.57
N TYR F 37 8.57 -23.67 16.65
CA TYR F 37 7.19 -23.91 16.28
C TYR F 37 7.07 -24.16 14.78
N ILE F 38 7.83 -23.43 13.98
CA ILE F 38 7.84 -23.70 12.55
C ILE F 38 8.43 -25.07 12.27
N TYR F 39 9.44 -25.48 13.03
CA TYR F 39 9.93 -26.84 12.90
C TYR F 39 8.80 -27.83 13.16
N LYS F 40 8.05 -27.62 14.23
CA LYS F 40 6.98 -28.53 14.60
C LYS F 40 5.94 -28.62 13.50
N VAL F 41 5.51 -27.48 12.97
CA VAL F 41 4.49 -27.52 11.92
C VAL F 41 5.05 -28.20 10.67
N LEU F 42 6.33 -27.99 10.38
CA LEU F 42 6.94 -28.67 9.23
C LEU F 42 6.90 -30.18 9.42
N ARG F 43 7.27 -30.65 10.61
CA ARG F 43 7.27 -32.08 10.88
C ARG F 43 5.86 -32.65 10.80
N SER F 44 4.88 -31.94 11.37
CA SER F 44 3.51 -32.41 11.35
C SER F 44 2.97 -32.49 9.93
N GLU F 45 3.27 -31.50 9.10
CA GLU F 45 2.81 -31.56 7.73
C GLU F 45 3.55 -32.64 6.96
N ASN F 46 4.82 -32.89 7.29
CA ASN F 46 5.63 -33.86 6.57
C ASN F 46 5.31 -35.30 6.94
N ILE F 47 4.67 -35.56 8.08
CA ILE F 47 4.31 -36.93 8.42
C ILE F 47 3.45 -37.59 7.35
N ARG F 48 2.93 -36.81 6.40
CA ARG F 48 2.17 -37.32 5.27
C ARG F 48 2.68 -36.82 3.93
N SER F 49 3.62 -35.87 3.92
CA SER F 49 4.26 -35.38 2.69
C SER F 49 5.34 -36.36 2.26
N GLU F 50 6.23 -35.94 1.37
CA GLU F 50 7.32 -36.82 0.95
C GLU F 50 8.10 -37.30 2.16
N ALA F 51 7.99 -38.59 2.46
CA ALA F 51 8.59 -39.16 3.66
C ALA F 51 9.90 -39.87 3.37
N ASP F 52 10.48 -39.65 2.19
CA ASP F 52 11.82 -40.15 1.92
C ASP F 52 12.82 -39.60 2.94
N THR F 53 12.60 -38.36 3.37
CA THR F 53 13.33 -37.80 4.50
C THR F 53 12.52 -36.68 5.12
N ASP F 54 12.88 -36.32 6.35
CA ASP F 54 12.33 -35.12 6.95
C ASP F 54 12.90 -33.88 6.27
N LEU F 55 12.04 -33.17 5.54
CA LEU F 55 12.45 -32.04 4.71
C LEU F 55 12.73 -30.83 5.60
N GLY F 56 13.87 -30.89 6.27
CA GLY F 56 14.29 -29.79 7.13
C GLY F 56 14.44 -28.51 6.36
N ILE F 57 14.31 -27.40 7.08
CA ILE F 57 14.33 -26.07 6.50
C ILE F 57 15.67 -25.41 6.78
N SER F 58 16.30 -24.89 5.74
CA SER F 58 17.61 -24.26 5.86
C SER F 58 17.52 -22.99 6.68
N ASN F 59 18.57 -22.74 7.47
CA ASN F 59 18.63 -21.58 8.34
C ASN F 59 18.05 -20.32 7.71
N LYS F 60 18.54 -19.94 6.52
CA LYS F 60 17.96 -18.79 5.84
C LYS F 60 16.47 -18.97 5.60
N GLY F 61 16.06 -20.16 5.19
CA GLY F 61 14.66 -20.44 5.04
C GLY F 61 13.93 -20.31 6.35
N MET F 62 14.58 -20.69 7.45
CA MET F 62 13.98 -20.52 8.77
C MET F 62 13.78 -19.04 9.08
N GLU F 63 14.76 -18.21 8.74
CA GLU F 63 14.62 -16.77 8.96
C GLU F 63 13.47 -16.23 8.12
N VAL F 64 13.35 -16.69 6.89
CA VAL F 64 12.28 -16.22 6.02
C VAL F 64 10.93 -16.63 6.56
N MET F 65 10.79 -17.89 6.98
CA MET F 65 9.51 -18.33 7.54
C MET F 65 9.20 -17.63 8.84
N ASN F 66 10.21 -17.39 9.67
CA ASN F 66 9.98 -16.65 10.91
C ASN F 66 9.49 -15.25 10.61
N SER F 67 10.13 -14.57 9.68
CA SER F 67 9.68 -13.25 9.31
C SER F 67 8.31 -13.29 8.65
N LEU F 68 7.99 -14.38 7.96
CA LEU F 68 6.67 -14.49 7.36
C LEU F 68 5.62 -14.64 8.44
N VAL F 69 5.89 -15.43 9.46
CA VAL F 69 4.96 -15.56 10.57
C VAL F 69 4.80 -14.21 11.26
N ASN F 70 5.91 -13.50 11.49
CA ASN F 70 5.81 -12.20 12.14
C ASN F 70 5.03 -11.22 11.29
N ASP F 71 5.27 -11.21 9.98
CA ASP F 71 4.56 -10.28 9.11
C ASP F 71 3.08 -10.61 9.04
N LEU F 72 2.74 -11.89 8.94
CA LEU F 72 1.34 -12.24 8.85
C LEU F 72 0.64 -12.05 10.18
N PHE F 73 1.34 -12.26 11.28
CA PHE F 73 0.76 -12.01 12.58
C PHE F 73 0.55 -10.53 12.81
N GLU F 74 1.51 -9.70 12.42
CA GLU F 74 1.30 -8.26 12.51
C GLU F 74 0.17 -7.82 11.61
N ARG F 75 0.07 -8.38 10.41
CA ARG F 75 -1.00 -7.98 9.51
C ARG F 75 -2.35 -8.36 10.07
N ILE F 76 -2.49 -9.58 10.57
CA ILE F 76 -3.78 -10.02 11.12
C ILE F 76 -4.09 -9.25 12.39
N ALA F 77 -3.11 -9.02 13.25
CA ALA F 77 -3.37 -8.29 14.48
C ALA F 77 -3.69 -6.84 14.20
N SER F 78 -3.05 -6.24 13.20
CA SER F 78 -3.37 -4.86 12.85
C SER F 78 -4.76 -4.76 12.26
N GLU F 79 -5.15 -5.72 11.42
CA GLU F 79 -6.50 -5.71 10.91
C GLU F 79 -7.51 -5.95 12.02
N ALA F 80 -7.15 -6.75 13.02
CA ALA F 80 -8.05 -6.94 14.15
C ALA F 80 -8.15 -5.67 14.99
N SER F 81 -7.06 -4.93 15.12
CA SER F 81 -7.10 -3.66 15.80
C SER F 81 -8.03 -2.69 15.09
N ASN F 82 -7.87 -2.59 13.77
CA ASN F 82 -8.73 -1.70 13.00
C ASN F 82 -10.18 -2.16 13.05
N LEU F 83 -10.41 -3.47 13.12
CA LEU F 83 -11.79 -3.97 13.21
C LEU F 83 -12.39 -3.70 14.57
N ALA F 84 -11.58 -3.77 15.63
CA ALA F 84 -12.05 -3.39 16.94
C ALA F 84 -12.41 -1.91 16.99
N LYS F 85 -11.48 -1.06 16.53
CA LYS F 85 -11.77 0.37 16.49
C LYS F 85 -12.99 0.67 15.65
N ILE F 86 -13.22 -0.11 14.60
CA ILE F 86 -14.40 0.09 13.78
C ILE F 86 -15.66 -0.25 14.56
N SER F 87 -15.71 -1.45 15.12
CA SER F 87 -16.87 -1.83 15.92
C SER F 87 -16.87 -1.17 17.29
N LYS F 88 -15.84 -0.37 17.61
CA LYS F 88 -15.75 0.35 18.88
C LYS F 88 -15.82 -0.62 20.07
N ARG F 89 -14.81 -1.46 20.15
CA ARG F 89 -14.65 -2.39 21.25
C ARG F 89 -13.19 -2.45 21.66
N ASN F 90 -12.95 -2.58 22.95
CA ASN F 90 -11.60 -2.58 23.48
C ASN F 90 -10.91 -3.93 23.34
N THR F 91 -11.64 -4.99 23.03
CA THR F 91 -11.08 -6.33 22.97
C THR F 91 -11.16 -6.86 21.55
N ILE F 92 -10.13 -7.58 21.13
CA ILE F 92 -10.14 -8.22 19.82
C ILE F 92 -10.52 -9.68 20.07
N GLY F 93 -11.81 -9.96 19.97
CA GLY F 93 -12.31 -11.30 20.23
C GLY F 93 -11.95 -12.30 19.16
N LYS F 94 -12.66 -13.43 19.14
CA LYS F 94 -12.48 -14.35 18.03
C LYS F 94 -13.09 -13.77 16.76
N LYS F 95 -14.17 -13.01 16.90
CA LYS F 95 -14.78 -12.37 15.74
C LYS F 95 -13.77 -11.50 15.01
N ASP F 96 -12.97 -10.75 15.75
CA ASP F 96 -12.05 -9.81 15.11
C ASP F 96 -10.88 -10.53 14.46
N ILE F 97 -10.31 -11.54 15.11
CA ILE F 97 -9.23 -12.26 14.45
C ILE F 97 -9.77 -13.04 13.25
N GLU F 98 -11.02 -13.48 13.30
CA GLU F 98 -11.57 -14.20 12.16
C GLU F 98 -11.81 -13.26 10.98
N SER F 99 -12.40 -12.10 11.22
CA SER F 99 -12.56 -11.13 10.14
C SER F 99 -11.21 -10.65 9.63
N ALA F 100 -10.23 -10.53 10.51
CA ALA F 100 -8.91 -10.13 10.06
C ALA F 100 -8.26 -11.21 9.22
N ALA F 101 -8.50 -12.48 9.54
CA ALA F 101 -7.98 -13.54 8.70
C ALA F 101 -8.73 -13.63 7.38
N LYS F 102 -9.99 -13.22 7.36
CA LYS F 102 -10.74 -13.19 6.12
C LYS F 102 -10.36 -12.00 5.25
N LEU F 103 -9.80 -10.95 5.83
CA LEU F 103 -9.31 -9.81 5.07
C LEU F 103 -7.88 -10.01 4.61
N VAL F 104 -6.99 -10.40 5.52
CA VAL F 104 -5.59 -10.56 5.18
C VAL F 104 -5.39 -11.76 4.26
N ILE F 105 -6.05 -12.87 4.57
CA ILE F 105 -5.86 -14.13 3.84
C ILE F 105 -7.12 -14.44 3.05
N PRO F 106 -7.29 -13.87 1.87
CA PRO F 106 -8.54 -14.05 1.13
C PRO F 106 -8.46 -15.20 0.14
N GLY F 107 -9.63 -15.63 -0.32
CA GLY F 107 -9.70 -16.59 -1.39
C GLY F 107 -10.03 -17.99 -0.91
N GLU F 108 -9.57 -19.00 -1.66
CA GLU F 108 -9.83 -20.37 -1.26
C GLU F 108 -8.96 -20.77 -0.08
N ILE F 109 -7.68 -20.42 -0.13
CA ILE F 109 -6.78 -20.72 0.97
C ILE F 109 -7.23 -20.05 2.25
N GLY F 110 -7.88 -18.90 2.14
CA GLY F 110 -8.38 -18.24 3.33
C GLY F 110 -9.50 -19.02 3.99
N ARG F 111 -10.40 -19.57 3.18
CA ARG F 111 -11.45 -20.40 3.74
C ARG F 111 -10.88 -21.67 4.35
N LEU F 112 -9.90 -22.29 3.66
CA LEU F 112 -9.31 -23.51 4.21
C LEU F 112 -8.64 -23.25 5.54
N ILE F 113 -7.89 -22.15 5.62
CA ILE F 113 -7.14 -21.87 6.84
C ILE F 113 -8.09 -21.49 7.97
N ARG F 114 -9.09 -20.66 7.70
CA ARG F 114 -10.06 -20.35 8.73
C ARG F 114 -10.88 -21.56 9.14
N ASP F 115 -11.12 -22.50 8.24
CA ASP F 115 -11.85 -23.71 8.62
C ASP F 115 -11.01 -24.58 9.55
N GLU F 116 -9.74 -24.80 9.20
CA GLU F 116 -8.90 -25.57 10.09
C GLU F 116 -8.63 -24.82 11.38
N ALA F 117 -8.70 -23.49 11.36
CA ALA F 117 -8.57 -22.73 12.59
C ALA F 117 -9.81 -22.92 13.46
N ASP F 118 -11.00 -22.92 12.87
CA ASP F 118 -12.20 -23.22 13.65
C ASP F 118 -12.17 -24.63 14.20
N LYS F 119 -11.60 -25.58 13.45
CA LYS F 119 -11.43 -26.93 13.97
C LYS F 119 -10.56 -26.90 15.22
N ALA F 120 -9.41 -26.24 15.13
CA ALA F 120 -8.51 -26.11 16.27
C ALA F 120 -9.20 -25.43 17.45
N LEU F 121 -9.96 -24.38 17.18
CA LEU F 121 -10.60 -23.63 18.26
C LEU F 121 -11.69 -24.46 18.93
N SER F 122 -12.50 -25.18 18.14
CA SER F 122 -13.50 -26.05 18.73
C SER F 122 -12.85 -27.14 19.57
N LYS F 123 -11.76 -27.74 19.06
CA LYS F 123 -11.05 -28.74 19.84
C LYS F 123 -10.52 -28.16 21.14
N PHE F 124 -10.01 -26.93 21.09
CA PHE F 124 -9.44 -26.32 22.29
C PHE F 124 -10.51 -25.97 23.31
N THR F 125 -11.63 -25.44 22.85
CA THR F 125 -12.65 -25.00 23.80
C THR F 125 -13.39 -26.18 24.42
N SER F 126 -13.57 -27.27 23.66
CA SER F 126 -14.24 -28.45 24.22
C SER F 126 -13.39 -29.19 25.22
N SER F 127 -12.17 -28.73 25.49
CA SER F 127 -11.30 -29.39 26.45
C SER F 127 -11.27 -28.65 27.78
N LYS G 16 -5.55 31.51 26.00
CA LYS G 16 -6.55 30.80 26.78
C LYS G 16 -6.65 29.34 26.34
N SER G 17 -7.06 29.12 25.10
CA SER G 17 -7.16 27.78 24.54
C SER G 17 -5.85 27.39 23.88
N ARG G 18 -5.53 26.09 23.96
CA ARG G 18 -4.26 25.60 23.46
C ARG G 18 -4.09 25.89 21.98
N SER G 19 -5.16 25.71 21.21
CA SER G 19 -5.09 25.97 19.77
C SER G 19 -4.75 27.42 19.49
N ALA G 20 -5.47 28.34 20.12
CA ALA G 20 -5.23 29.76 19.89
C ALA G 20 -3.85 30.17 20.38
N ARG G 21 -3.43 29.65 21.53
CA ARG G 21 -2.16 30.06 22.11
C ARG G 21 -1.00 29.72 21.18
N ALA G 22 -1.05 28.55 20.55
CA ALA G 22 0.04 28.11 19.69
C ALA G 22 0.12 28.86 18.38
N GLY G 23 -0.83 29.74 18.10
CA GLY G 23 -0.87 30.40 16.80
C GLY G 23 -1.35 29.51 15.69
N ILE G 24 -2.08 28.45 16.02
CA ILE G 24 -2.57 27.49 15.05
C ILE G 24 -4.06 27.73 14.85
N SER G 25 -4.61 27.13 13.81
CA SER G 25 -6.04 27.20 13.58
C SER G 25 -6.75 25.89 13.92
N PHE G 26 -6.03 24.81 14.10
CA PHE G 26 -6.54 23.46 14.28
C PHE G 26 -6.71 23.15 15.76
N PRO G 27 -7.66 22.28 16.09
CA PRO G 27 -7.98 22.04 17.50
C PRO G 27 -6.99 21.15 18.20
N ILE G 28 -6.13 21.74 19.02
CA ILE G 28 -5.22 20.93 19.81
C ILE G 28 -6.00 20.04 20.77
N GLY G 29 -7.12 20.54 21.28
CA GLY G 29 -7.92 19.72 22.18
C GLY G 29 -8.53 18.51 21.48
N ARG G 30 -9.15 18.74 20.33
CA ARG G 30 -9.75 17.63 19.60
C ARG G 30 -8.70 16.64 19.12
N ILE G 31 -7.57 17.15 18.62
CA ILE G 31 -6.50 16.26 18.18
C ILE G 31 -5.97 15.45 19.35
N HIS G 32 -5.81 16.07 20.52
CA HIS G 32 -5.34 15.32 21.67
C HIS G 32 -6.34 14.24 22.06
N ARG G 33 -7.63 14.57 22.00
CA ARG G 33 -8.65 13.58 22.33
C ARG G 33 -8.63 12.43 21.35
N HIS G 34 -8.48 12.72 20.06
CA HIS G 34 -8.42 11.66 19.05
C HIS G 34 -7.19 10.79 19.26
N LEU G 35 -6.05 11.40 19.57
CA LEU G 35 -4.85 10.63 19.82
C LEU G 35 -5.05 9.70 21.00
N ARG G 36 -5.59 10.21 22.09
CA ARG G 36 -5.74 9.36 23.27
C ARG G 36 -6.76 8.26 23.03
N GLU G 37 -7.91 8.58 22.43
CA GLU G 37 -8.95 7.58 22.26
C GLU G 37 -8.72 6.70 21.04
N GLY G 38 -7.76 7.05 20.20
CA GLY G 38 -7.46 6.21 19.07
C GLY G 38 -6.53 5.09 19.41
N ARG G 39 -6.09 5.04 20.67
CA ARG G 39 -5.24 4.00 21.21
C ARG G 39 -3.87 4.00 20.55
N TYR G 40 -3.45 5.14 19.99
CA TYR G 40 -2.18 5.16 19.30
C TYR G 40 -1.01 4.94 20.23
N ALA G 41 -1.17 5.21 21.52
CA ALA G 41 -0.20 4.85 22.53
C ALA G 41 -0.87 5.05 23.88
N GLU G 42 -0.26 4.52 24.93
CA GLU G 42 -0.84 4.66 26.26
C GLU G 42 -0.88 6.13 26.66
N ARG G 43 0.24 6.83 26.50
CA ARG G 43 0.33 8.24 26.82
C ARG G 43 0.61 9.03 25.55
N ILE G 44 0.23 10.31 25.59
CA ILE G 44 0.47 11.24 24.49
C ILE G 44 1.08 12.49 25.10
N SER G 45 2.38 12.66 24.92
CA SER G 45 3.09 13.78 25.53
C SER G 45 2.45 15.09 25.10
N SER G 46 2.39 16.04 26.04
CA SER G 46 1.64 17.27 25.83
C SER G 46 2.08 18.00 24.56
N ASP G 47 3.35 17.89 24.19
CA ASP G 47 3.82 18.52 22.96
C ASP G 47 3.32 17.80 21.72
N ALA G 48 2.93 16.53 21.82
CA ALA G 48 2.53 15.78 20.64
C ALA G 48 1.30 16.37 19.97
N PRO G 49 0.21 16.67 20.67
CA PRO G 49 -0.95 17.23 19.96
C PRO G 49 -0.69 18.58 19.37
N VAL G 50 0.02 19.47 20.05
CA VAL G 50 0.27 20.79 19.47
C VAL G 50 1.07 20.66 18.18
N TYR G 51 2.12 19.84 18.18
CA TYR G 51 2.91 19.67 16.97
C TYR G 51 2.10 19.00 15.87
N LEU G 52 1.32 17.99 16.22
CA LEU G 52 0.51 17.32 15.21
C LEU G 52 -0.53 18.27 14.63
N ALA G 53 -1.11 19.12 15.47
CA ALA G 53 -2.05 20.11 14.97
C ALA G 53 -1.36 21.08 14.04
N ALA G 54 -0.16 21.52 14.39
CA ALA G 54 0.56 22.42 13.51
C ALA G 54 0.88 21.75 12.17
N VAL G 55 1.29 20.48 12.21
CA VAL G 55 1.61 19.77 10.97
C VAL G 55 0.37 19.63 10.09
N LEU G 56 -0.75 19.25 10.69
CA LEU G 56 -1.98 19.11 9.91
C LEU G 56 -2.43 20.46 9.36
N GLU G 57 -2.31 21.51 10.17
CA GLU G 57 -2.69 22.84 9.74
C GLU G 57 -1.86 23.28 8.55
N ASN G 58 -0.55 23.08 8.64
CA ASN G 58 0.31 23.47 7.54
C ASN G 58 0.05 22.63 6.30
N VAL G 59 -0.24 21.33 6.45
CA VAL G 59 -0.55 20.55 5.27
C VAL G 59 -1.79 21.08 4.58
N VAL G 60 -2.83 21.41 5.37
CA VAL G 60 -4.03 21.95 4.77
C VAL G 60 -3.74 23.29 4.10
N ALA G 61 -2.90 24.11 4.74
CA ALA G 61 -2.51 25.37 4.12
C ALA G 61 -1.79 25.14 2.81
N GLU G 62 -0.91 24.14 2.77
CA GLU G 62 -0.18 23.84 1.54
C GLU G 62 -1.11 23.36 0.44
N VAL G 63 -2.06 22.48 0.77
CA VAL G 63 -3.01 22.01 -0.23
C VAL G 63 -3.84 23.15 -0.76
N PHE G 64 -4.29 24.04 0.13
CA PHE G 64 -5.06 25.20 -0.33
C PHE G 64 -4.21 26.11 -1.20
N ARG G 65 -2.94 26.30 -0.83
CA ARG G 65 -2.05 27.13 -1.64
C ARG G 65 -1.90 26.56 -3.04
N GLU G 66 -1.66 25.25 -3.14
CA GLU G 66 -1.50 24.64 -4.44
C GLU G 66 -2.79 24.73 -5.24
N ALA G 67 -3.93 24.50 -4.58
CA ALA G 67 -5.21 24.61 -5.28
C ALA G 67 -5.40 26.02 -5.79
N CYS G 68 -4.95 27.02 -5.05
CA CYS G 68 -5.13 28.41 -5.48
C CYS G 68 -4.22 28.72 -6.65
N ASN G 69 -2.99 28.21 -6.62
CA ASN G 69 -2.05 28.54 -7.69
C ASN G 69 -2.46 27.86 -8.99
N HIS G 70 -2.93 26.62 -8.91
CA HIS G 70 -3.46 25.94 -10.08
C HIS G 70 -4.86 26.41 -10.46
N ARG G 71 -5.54 27.13 -9.56
CA ARG G 71 -6.89 27.64 -9.78
C ARG G 71 -6.94 29.01 -10.43
N ASP G 72 -5.97 29.88 -10.13
CA ASP G 72 -6.03 31.26 -10.61
C ASP G 72 -6.33 31.36 -12.10
N LYS G 73 -5.82 30.41 -12.89
CA LYS G 73 -6.17 30.36 -14.30
C LYS G 73 -7.66 30.03 -14.50
N LYS G 74 -8.15 28.99 -13.82
CA LYS G 74 -9.57 28.67 -13.88
C LYS G 74 -10.42 29.73 -13.18
N SER G 75 -9.84 30.44 -12.21
CA SER G 75 -10.48 31.58 -11.55
C SER G 75 -11.81 31.23 -10.87
N GLN G 76 -12.10 29.95 -10.64
CA GLN G 76 -13.30 29.60 -9.89
C GLN G 76 -13.12 30.06 -8.44
N LYS G 77 -14.06 30.88 -7.95
CA LYS G 77 -13.90 31.44 -6.61
C LYS G 77 -13.83 30.36 -5.54
N ARG G 78 -14.67 29.33 -5.64
CA ARG G 78 -14.72 28.32 -4.60
C ARG G 78 -13.53 27.37 -4.72
N ILE G 79 -13.53 26.35 -3.87
CA ILE G 79 -12.64 25.21 -3.99
C ILE G 79 -13.53 23.98 -3.97
N VAL G 80 -13.65 23.32 -5.11
CA VAL G 80 -14.45 22.11 -5.22
C VAL G 80 -13.51 20.93 -5.35
N PRO G 81 -13.96 19.70 -5.10
CA PRO G 81 -13.04 18.55 -5.10
C PRO G 81 -12.13 18.47 -6.30
N ASN G 82 -12.56 18.94 -7.48
CA ASN G 82 -11.69 18.89 -8.65
C ASN G 82 -10.43 19.71 -8.44
N HIS G 83 -10.56 20.89 -7.83
CA HIS G 83 -9.39 21.71 -7.57
C HIS G 83 -8.43 21.02 -6.62
N ILE G 84 -8.97 20.38 -5.58
CA ILE G 84 -8.13 19.64 -4.65
C ILE G 84 -7.44 18.50 -5.35
N LEU G 85 -8.16 17.78 -6.21
CA LEU G 85 -7.55 16.69 -6.95
C LEU G 85 -6.43 17.20 -7.85
N THR G 86 -6.63 18.37 -8.47
CA THR G 86 -5.58 18.97 -9.28
C THR G 86 -4.36 19.29 -8.42
N ALA G 87 -4.58 19.89 -7.25
CA ALA G 87 -3.46 20.24 -6.39
C ALA G 87 -2.70 19.00 -5.96
N LEU G 88 -3.42 17.95 -5.58
CA LEU G 88 -2.78 16.71 -5.16
C LEU G 88 -2.04 16.03 -6.32
N ARG G 89 -2.60 16.06 -7.51
CA ARG G 89 -2.00 15.31 -8.61
C ARG G 89 -0.90 16.08 -9.33
N LYS G 90 -0.81 17.40 -9.15
CA LYS G 90 0.19 18.18 -9.89
C LYS G 90 1.52 18.29 -9.17
N ASP G 91 1.53 18.89 -7.97
CA ASP G 91 2.78 19.07 -7.27
C ASP G 91 3.44 17.72 -7.02
N LYS G 92 4.76 17.65 -7.25
CA LYS G 92 5.46 16.38 -7.16
C LYS G 92 5.40 15.80 -5.76
N GLU G 93 5.76 16.62 -4.76
CA GLU G 93 5.75 16.11 -3.38
C GLU G 93 4.34 15.71 -2.96
N LEU G 94 3.36 16.56 -3.25
CA LEU G 94 1.98 16.23 -2.91
C LEU G 94 1.53 14.97 -3.63
N ALA G 95 1.95 14.80 -4.88
CA ALA G 95 1.59 13.59 -5.59
C ALA G 95 2.15 12.35 -4.89
N THR G 96 3.41 12.41 -4.44
CA THR G 96 3.94 11.26 -3.70
C THR G 96 3.20 11.05 -2.39
N ILE G 97 2.81 12.14 -1.73
CA ILE G 97 2.09 12.02 -0.46
C ILE G 97 0.75 11.33 -0.68
N PHE G 98 0.01 11.77 -1.70
CA PHE G 98 -1.34 11.30 -1.97
C PHE G 98 -1.41 10.56 -3.29
N ALA G 99 -0.44 9.69 -3.55
CA ALA G 99 -0.49 8.94 -4.80
C ALA G 99 -1.74 8.07 -4.86
N ASN G 100 -2.05 7.40 -3.76
CA ASN G 100 -3.23 6.54 -3.69
C ASN G 100 -4.36 7.28 -2.97
N VAL G 101 -4.92 8.28 -3.65
CA VAL G 101 -6.01 9.06 -3.09
C VAL G 101 -6.99 9.35 -4.22
N THR G 102 -8.12 8.67 -4.21
CA THR G 102 -9.23 9.08 -5.05
C THR G 102 -10.09 10.06 -4.28
N ILE G 103 -10.83 10.89 -5.01
CA ILE G 103 -11.55 11.99 -4.39
C ILE G 103 -12.95 12.02 -4.97
N ARG G 104 -13.96 12.06 -4.11
CA ARG G 104 -15.35 12.10 -4.55
C ARG G 104 -15.59 13.27 -5.49
N GLU G 105 -16.17 12.98 -6.65
CA GLU G 105 -16.34 13.97 -7.71
C GLU G 105 -15.01 14.62 -8.04
N GLY G 106 -13.96 13.81 -8.07
CA GLY G 106 -12.63 14.34 -8.29
C GLY G 106 -12.40 14.82 -9.70
N GLY G 107 -13.00 14.16 -10.68
CA GLY G 107 -12.65 14.51 -12.03
C GLY G 107 -11.24 14.05 -12.36
N VAL G 108 -10.55 14.80 -13.22
CA VAL G 108 -9.18 14.50 -13.58
C VAL G 108 -8.35 15.78 -13.56
N ALA G 109 -7.09 15.62 -13.19
CA ALA G 109 -6.13 16.73 -13.16
C ALA G 109 -5.48 16.87 -14.52
N ARG G 110 -5.79 17.95 -15.22
CA ARG G 110 -5.18 18.20 -16.52
C ARG G 110 -3.68 18.43 -16.39
N LYS H 16 -0.21 -29.92 30.33
CA LYS H 16 -1.18 -29.73 29.25
C LYS H 16 -1.35 -28.26 28.92
N SER H 17 -0.36 -27.70 28.24
CA SER H 17 -0.40 -26.30 27.85
C SER H 17 -1.50 -26.07 26.82
N ARG H 18 -1.70 -24.80 26.46
CA ARG H 18 -2.75 -24.48 25.51
C ARG H 18 -2.38 -24.90 24.10
N SER H 19 -1.10 -24.83 23.74
CA SER H 19 -0.67 -25.25 22.42
C SER H 19 -0.99 -26.72 22.20
N ALA H 20 -0.68 -27.56 23.18
CA ALA H 20 -0.98 -28.98 23.07
C ALA H 20 -2.49 -29.23 23.08
N ARG H 21 -3.22 -28.50 23.92
CA ARG H 21 -4.65 -28.71 24.04
C ARG H 21 -5.38 -28.43 22.73
N ALA H 22 -4.96 -27.39 22.02
CA ALA H 22 -5.65 -26.97 20.80
C ALA H 22 -5.27 -27.78 19.58
N GLY H 23 -4.41 -28.78 19.71
CA GLY H 23 -3.89 -29.47 18.55
C GLY H 23 -2.88 -28.70 17.75
N ILE H 24 -2.59 -27.45 18.13
CA ILE H 24 -1.64 -26.62 17.40
C ILE H 24 -0.22 -26.96 17.85
N SER H 25 0.75 -26.52 17.05
CA SER H 25 2.13 -26.52 17.47
C SER H 25 2.64 -25.11 17.75
N PHE H 26 1.94 -24.09 17.28
CA PHE H 26 2.34 -22.71 17.47
C PHE H 26 2.04 -22.25 18.90
N PRO H 27 2.83 -21.33 19.42
CA PRO H 27 2.75 -20.98 20.85
C PRO H 27 1.55 -20.10 21.14
N ILE H 28 0.55 -20.69 21.79
CA ILE H 28 -0.63 -19.90 22.16
C ILE H 28 -0.22 -18.80 23.11
N GLY H 29 0.66 -19.12 24.06
CA GLY H 29 1.09 -18.14 25.04
C GLY H 29 1.89 -17.01 24.42
N ARG H 30 2.84 -17.36 23.55
CA ARG H 30 3.69 -16.33 22.97
C ARG H 30 2.87 -15.39 22.11
N ILE H 31 1.96 -15.95 21.30
CA ILE H 31 1.10 -15.11 20.48
C ILE H 31 0.22 -14.23 21.34
N HIS H 32 -0.30 -14.77 22.45
CA HIS H 32 -1.11 -13.94 23.33
C HIS H 32 -0.27 -12.80 23.91
N ARG H 33 0.96 -13.10 24.32
CA ARG H 33 1.83 -12.08 24.88
C ARG H 33 2.14 -11.01 23.86
N HIS H 34 2.47 -11.41 22.64
CA HIS H 34 2.77 -10.44 21.59
C HIS H 34 1.55 -9.59 21.30
N LEU H 35 0.37 -10.22 21.27
CA LEU H 35 -0.85 -9.48 21.02
C LEU H 35 -1.11 -8.46 22.12
N ARG H 36 -0.74 -8.76 23.35
CA ARG H 36 -0.91 -7.79 24.43
C ARG H 36 0.13 -6.68 24.40
N GLU H 37 1.41 -7.04 24.44
CA GLU H 37 2.45 -6.02 24.49
C GLU H 37 2.49 -5.18 23.24
N GLY H 38 2.02 -5.73 22.12
CA GLY H 38 1.92 -4.92 20.92
C GLY H 38 0.88 -3.83 21.04
N ARG H 39 -0.06 -4.00 21.96
CA ARG H 39 -1.14 -3.04 22.20
C ARG H 39 -2.07 -2.96 21.01
N TYR H 40 -2.26 -4.10 20.35
CA TYR H 40 -3.21 -4.14 19.26
C TYR H 40 -4.62 -3.83 19.74
N ALA H 41 -4.91 -4.10 21.01
CA ALA H 41 -6.15 -3.68 21.61
C ALA H 41 -5.97 -3.67 23.12
N GLU H 42 -6.92 -3.07 23.81
CA GLU H 42 -6.84 -2.99 25.26
C GLU H 42 -6.86 -4.38 25.88
N ARG H 43 -7.96 -5.09 25.69
CA ARG H 43 -8.08 -6.47 26.15
C ARG H 43 -7.90 -7.41 24.96
N ILE H 44 -7.62 -8.68 25.29
CA ILE H 44 -7.52 -9.72 24.26
C ILE H 44 -8.16 -10.99 24.79
N SER H 45 -9.35 -11.30 24.29
CA SER H 45 -10.11 -12.42 24.79
C SER H 45 -9.34 -13.71 24.54
N SER H 46 -9.04 -14.44 25.61
CA SER H 46 -8.13 -15.57 25.52
C SER H 46 -8.62 -16.67 24.60
N ASP H 47 -9.82 -16.51 24.05
CA ASP H 47 -10.27 -17.39 22.99
C ASP H 47 -9.69 -16.95 21.64
N ALA H 48 -9.26 -15.69 21.52
CA ALA H 48 -8.77 -15.13 20.27
C ALA H 48 -7.34 -15.56 19.94
N PRO H 49 -6.38 -15.48 20.87
CA PRO H 49 -5.03 -15.94 20.52
C PRO H 49 -5.01 -17.36 20.03
N VAL H 50 -5.91 -18.22 20.54
CA VAL H 50 -5.97 -19.58 20.03
C VAL H 50 -6.28 -19.58 18.55
N TYR H 51 -7.30 -18.83 18.15
CA TYR H 51 -7.66 -18.77 16.74
C TYR H 51 -6.53 -18.18 15.92
N LEU H 52 -5.90 -17.12 16.42
CA LEU H 52 -4.81 -16.49 15.66
C LEU H 52 -3.63 -17.44 15.51
N ALA H 53 -3.28 -18.17 16.56
CA ALA H 53 -2.20 -19.14 16.44
C ALA H 53 -2.57 -20.23 15.44
N ALA H 54 -3.82 -20.67 15.46
CA ALA H 54 -4.24 -21.68 14.50
C ALA H 54 -4.15 -21.15 13.07
N VAL H 55 -4.58 -19.91 12.84
CA VAL H 55 -4.50 -19.34 11.50
C VAL H 55 -3.05 -19.23 11.07
N LEU H 56 -2.16 -18.80 11.97
CA LEU H 56 -0.76 -18.71 11.62
C LEU H 56 -0.15 -20.07 11.30
N GLU H 57 -0.46 -21.07 12.13
CA GLU H 57 0.07 -22.41 11.87
C GLU H 57 -0.44 -22.94 10.55
N ASN H 58 -1.72 -22.73 10.26
CA ASN H 58 -2.27 -23.20 9.00
C ASN H 58 -1.63 -22.50 7.83
N VAL H 59 -1.35 -21.20 7.95
CA VAL H 59 -0.70 -20.50 6.85
C VAL H 59 0.69 -21.07 6.62
N VAL H 60 1.45 -21.30 7.70
CA VAL H 60 2.79 -21.84 7.57
C VAL H 60 2.74 -23.24 6.96
N ALA H 61 1.81 -24.06 7.41
CA ALA H 61 1.69 -25.39 6.86
C ALA H 61 1.31 -25.32 5.39
N GLU H 62 0.44 -24.39 5.01
CA GLU H 62 0.04 -24.25 3.62
C GLU H 62 1.21 -23.81 2.75
N VAL H 63 2.01 -22.86 3.23
CA VAL H 63 3.15 -22.40 2.45
C VAL H 63 4.18 -23.51 2.30
N PHE H 64 4.38 -24.29 3.37
CA PHE H 64 5.29 -25.44 3.27
C PHE H 64 4.72 -26.48 2.31
N ARG H 65 3.41 -26.68 2.34
CA ARG H 65 2.75 -27.65 1.48
C ARG H 65 2.92 -27.28 0.02
N GLU H 66 2.77 -25.99 -0.29
CA GLU H 66 2.91 -25.57 -1.68
C GLU H 66 4.36 -25.47 -2.12
N ALA H 67 5.29 -25.18 -1.19
CA ALA H 67 6.69 -25.27 -1.52
C ALA H 67 7.06 -26.68 -1.95
N CYS H 68 6.64 -27.67 -1.16
CA CYS H 68 6.87 -29.05 -1.55
C CYS H 68 6.12 -29.41 -2.83
N ASN H 69 4.89 -28.92 -2.96
CA ASN H 69 4.08 -29.18 -4.15
C ASN H 69 4.79 -28.74 -5.42
N HIS H 70 5.39 -27.56 -5.39
CA HIS H 70 6.06 -27.02 -6.57
C HIS H 70 7.51 -27.46 -6.68
N ARG H 71 8.06 -28.08 -5.65
CA ARG H 71 9.47 -28.47 -5.66
C ARG H 71 9.70 -29.98 -5.76
N ASP H 72 8.67 -30.81 -5.57
CA ASP H 72 8.92 -32.26 -5.45
C ASP H 72 9.71 -32.78 -6.64
N LYS H 73 9.72 -32.04 -7.74
CA LYS H 73 10.50 -32.41 -8.92
C LYS H 73 11.99 -32.42 -8.61
N LYS H 74 12.46 -31.41 -7.85
CA LYS H 74 13.88 -31.28 -7.58
C LYS H 74 14.35 -32.31 -6.56
N SER H 75 13.51 -32.64 -5.59
CA SER H 75 13.84 -33.61 -4.52
C SER H 75 15.13 -33.24 -3.79
N GLN H 76 15.35 -31.93 -3.60
CA GLN H 76 16.51 -31.47 -2.85
C GLN H 76 16.46 -31.89 -1.39
N LYS H 77 15.28 -32.22 -0.87
CA LYS H 77 15.11 -32.68 0.51
C LYS H 77 15.50 -31.58 1.50
N ARG H 78 15.13 -30.34 1.17
CA ARG H 78 15.38 -29.18 2.00
C ARG H 78 14.66 -27.97 1.41
N ILE H 79 14.21 -27.08 2.29
CA ILE H 79 13.57 -25.84 1.90
C ILE H 79 14.55 -24.70 2.06
N VAL H 80 14.74 -23.93 0.98
CA VAL H 80 15.57 -22.72 1.03
C VAL H 80 14.73 -21.56 0.52
N PRO H 81 15.10 -20.33 0.86
CA PRO H 81 14.24 -19.18 0.53
C PRO H 81 13.72 -19.14 -0.89
N ASN H 82 14.43 -19.71 -1.86
CA ASN H 82 13.90 -19.74 -3.22
C ASN H 82 12.61 -20.57 -3.27
N HIS H 83 12.60 -21.68 -2.55
CA HIS H 83 11.41 -22.52 -2.48
C HIS H 83 10.22 -21.74 -1.94
N ILE H 84 10.45 -20.97 -0.87
CA ILE H 84 9.39 -20.16 -0.30
C ILE H 84 8.96 -19.08 -1.28
N LEU H 85 9.92 -18.49 -2.01
CA LEU H 85 9.57 -17.49 -3.01
C LEU H 85 8.66 -18.06 -4.09
N THR H 86 9.02 -19.22 -4.63
CA THR H 86 8.17 -19.81 -5.66
C THR H 86 6.81 -20.16 -5.09
N ALA H 87 6.77 -20.68 -3.86
CA ALA H 87 5.48 -21.04 -3.27
C ALA H 87 4.62 -19.81 -3.08
N LEU H 88 5.22 -18.71 -2.62
CA LEU H 88 4.47 -17.48 -2.39
C LEU H 88 3.97 -16.89 -3.69
N ARG H 89 4.76 -16.98 -4.76
CA ARG H 89 4.46 -16.24 -5.98
C ARG H 89 4.05 -17.15 -7.12
N LYS H 90 3.61 -18.38 -6.85
CA LYS H 90 2.97 -19.20 -7.87
C LYS H 90 1.46 -19.24 -7.73
N ASP H 91 0.93 -19.75 -6.62
CA ASP H 91 -0.50 -19.94 -6.52
C ASP H 91 -1.19 -18.61 -6.26
N LYS H 92 -2.29 -18.37 -6.99
CA LYS H 92 -2.91 -17.06 -7.01
C LYS H 92 -3.29 -16.57 -5.61
N GLU H 93 -3.77 -17.46 -4.75
CA GLU H 93 -4.14 -17.02 -3.40
C GLU H 93 -2.92 -16.52 -2.62
N LEU H 94 -1.83 -17.30 -2.59
CA LEU H 94 -0.63 -16.82 -1.90
C LEU H 94 -0.02 -15.63 -2.63
N ALA H 95 -0.10 -15.61 -3.95
CA ALA H 95 0.41 -14.46 -4.69
C ALA H 95 -0.31 -13.20 -4.26
N THR H 96 -1.62 -13.29 -4.05
CA THR H 96 -2.38 -12.15 -3.57
C THR H 96 -1.98 -11.79 -2.14
N ILE H 97 -1.78 -12.78 -1.29
CA ILE H 97 -1.43 -12.47 0.10
C ILE H 97 -0.09 -11.77 0.18
N PHE H 98 0.92 -12.31 -0.51
CA PHE H 98 2.29 -11.84 -0.41
C PHE H 98 2.79 -11.21 -1.70
N ALA H 99 1.94 -10.43 -2.36
CA ALA H 99 2.34 -9.82 -3.61
C ALA H 99 3.56 -8.92 -3.43
N ASN H 100 3.58 -8.13 -2.38
CA ASN H 100 4.61 -7.12 -2.19
C ASN H 100 5.84 -7.65 -1.48
N VAL H 101 5.87 -8.94 -1.14
CA VAL H 101 6.98 -9.50 -0.38
C VAL H 101 8.21 -9.62 -1.26
N THR H 102 9.38 -9.48 -0.64
CA THR H 102 10.65 -9.72 -1.33
C THR H 102 11.57 -10.52 -0.43
N ILE H 103 11.56 -11.84 -0.61
CA ILE H 103 12.33 -12.73 0.24
C ILE H 103 13.81 -12.44 0.12
N ARG H 104 14.52 -12.51 1.23
CA ARG H 104 15.96 -12.33 1.21
C ARG H 104 16.63 -13.56 0.62
N GLU H 105 17.64 -13.34 -0.21
CA GLU H 105 18.36 -14.42 -0.90
C GLU H 105 17.41 -15.31 -1.67
N GLY H 106 16.28 -14.75 -2.08
CA GLY H 106 15.23 -15.54 -2.67
C GLY H 106 15.50 -15.94 -4.09
N GLY H 107 15.79 -14.97 -4.94
CA GLY H 107 15.85 -15.24 -6.36
C GLY H 107 14.55 -14.87 -7.03
N VAL H 108 14.16 -15.62 -8.07
CA VAL H 108 12.91 -15.38 -8.77
C VAL H 108 12.19 -16.71 -8.91
N ALA H 109 10.86 -16.63 -8.87
CA ALA H 109 10.02 -17.80 -9.08
C ALA H 109 10.31 -18.41 -10.44
N ARG H 110 10.47 -19.73 -10.45
CA ARG H 110 10.79 -20.47 -11.66
C ARG H 110 9.80 -20.21 -12.80
#